data_8DXE
#
_entry.id   8DXE
#
_cell.length_a   162.226
_cell.length_b   72.717
_cell.length_c   109.555
_cell.angle_alpha   90.000
_cell.angle_beta   100.508
_cell.angle_gamma   90.000
#
_symmetry.space_group_name_H-M   'C 1 2 1'
#
loop_
_entity.id
_entity.type
_entity.pdbx_description
1 polymer 'Reverse transcriptase/ribonuclease H'
2 polymer 'p51 RT'
3 non-polymer 2-amino-6-fluorobenzonitrile
4 non-polymer 4-{[4-({4-[(E)-2-cyanoethenyl]-2,6-dimethylphenyl}amino)pyrimidin-2-yl]amino}benzonitrile
5 non-polymer 'DIMETHYL SULFOXIDE'
6 non-polymer 1,2-ETHANEDIOL
7 non-polymer 'MAGNESIUM ION'
8 non-polymer 'SULFATE ION'
9 water water
#
loop_
_entity_poly.entity_id
_entity_poly.type
_entity_poly.pdbx_seq_one_letter_code
_entity_poly.pdbx_strand_id
1 'polypeptide(L)'
;MVPISPIETVPVKLKPGMDGPKVKQWPLTEEKIKALVEICTEMEKEGKISKIGPENPYNTPVFAIKKKDSTKWRKLVDFR
ELNKRTQDFWEVQLGIPHPAGLKKKKSVTVLDVGDAYFSVPLDEDFRKYTAFTIPSINNETPGIRYQYNVLPQGWKGSPA
IFQSSMTKILEPFAAQNPDIVIYQYMDDLYVGSDLEIGQHRTKIEELRQHLLRWGLTTPDKKHQKEPPFLWMGYELHPDK
WTVQPIVLPEKDSWTVNDIQKLVGKLNWASQIYPGIKVRQLSKLLRGTKALTEVIPLTEEAELELAENREILKEPVHGVY
YDPSKDLIAEIQKQGQGQWTYQIYQEPFKNLKTGKYARMRGAHTNDVKQLTEAVQKITTESIVIWGKTPKFKLPIQKETW
ETWWTEYWQATWIPEWEFVNTPPLVKLWYQLEKEPIVGAETFYVDGAANRETKLGKAGYVTNKGRQKVVPLTNTTNQKTE
LQAIYLALQDSGLEVNIVTDSQYALGIIQAQPDKSESELVNQIIEQLIKKEKVYLAWVPAHKGIGGNEQVDKLVSAG
;
A
2 'polypeptide(L)'
;PISPIETVPVKLKPGMDGPKVKQWPLTEEKIKALVEICTEMEKEGKISKIGPENPYNTPVFAIKKKDSTKWRKLVDFREL
NKRTQDFWEVQLGIPHPAGLKKKKSVTVLDVGDAYFSVPLDEDFRKYTAFTIPSINNETPGIRYQYNVLPQGWKGSPAIF
QSSMTKILEPFKKQNPDIVIYQYMDDLYVGSDLEIGQHRTKIEELRQHLLRWGLTTPDKKHQKEPPFLWMGYELHPDKWT
VQPIVLPEKDSWTVNDIQKLVGKLNWASQIYPGIKVRQLSKLLRGTKALTEVIPLTEEAELELAENREILKEPVHGVYYD
PSKDLIAEIQKQGQGQWTYQIYQEPFKNLKTGKYARMRGAHTNDVKQLTEAVQKITTESIVIWGKTPKFKLPIQKETWET
WWTEYWQATWIPEWEFVNTPPLVKLWYQ
;
B
#
loop_
_chem_comp.id
_chem_comp.type
_chem_comp.name
_chem_comp.formula
0IF non-polymer 2-amino-6-fluorobenzonitrile 'C7 H5 F N2'
DMS non-polymer 'DIMETHYL SULFOXIDE' 'C2 H6 O S'
EDO non-polymer 1,2-ETHANEDIOL 'C2 H6 O2'
MG non-polymer 'MAGNESIUM ION' 'Mg 2'
SO4 non-polymer 'SULFATE ION' 'O4 S -2'
T27 non-polymer 4-{[4-({4-[(E)-2-cyanoethenyl]-2,6-dimethylphenyl}amino)pyrimidin-2-yl]amino}benzonitrile 'C22 H18 N6'
#
# COMPACT_ATOMS: atom_id res chain seq x y z
N MET A 1 2.47 48.51 -29.01
CA MET A 1 2.23 47.17 -28.47
C MET A 1 2.54 47.09 -26.96
N VAL A 2 1.87 46.18 -26.28
CA VAL A 2 2.12 45.90 -24.88
C VAL A 2 2.96 44.63 -24.82
N PRO A 3 4.17 44.68 -24.25
CA PRO A 3 5.00 43.46 -24.20
C PRO A 3 4.26 42.39 -23.41
N ILE A 4 4.46 41.14 -23.82
CA ILE A 4 3.86 40.03 -23.11
C ILE A 4 4.95 39.06 -22.69
N SER A 5 4.72 38.37 -21.59
CA SER A 5 5.69 37.40 -21.13
C SER A 5 5.58 36.16 -22.01
N PRO A 6 6.69 35.59 -22.47
CA PRO A 6 6.60 34.34 -23.23
C PRO A 6 6.29 33.18 -22.29
N ILE A 7 5.64 32.16 -22.85
CA ILE A 7 5.40 30.92 -22.12
C ILE A 7 6.64 30.06 -22.30
N GLU A 8 7.32 29.73 -21.21
CA GLU A 8 8.54 28.92 -21.28
C GLU A 8 8.23 27.56 -21.92
N THR A 9 9.09 27.10 -22.82
CA THR A 9 8.85 25.81 -23.48
C THR A 9 9.31 24.67 -22.58
N VAL A 10 8.64 23.53 -22.70
CA VAL A 10 9.02 22.29 -22.02
C VAL A 10 9.97 21.51 -22.95
N PRO A 11 11.18 21.15 -22.50
CA PRO A 11 12.07 20.36 -23.36
C PRO A 11 11.56 18.93 -23.49
N VAL A 12 11.56 18.41 -24.72
CA VAL A 12 10.89 17.16 -25.05
C VAL A 12 11.89 16.27 -25.78
N LYS A 13 11.88 14.98 -25.47
CA LYS A 13 12.74 14.05 -26.19
C LYS A 13 11.97 12.84 -26.65
N LEU A 14 12.50 12.21 -27.68
CA LEU A 14 12.04 10.89 -28.04
C LEU A 14 12.56 9.87 -27.03
N LYS A 15 11.91 8.70 -27.00
CA LYS A 15 12.37 7.66 -26.10
C LYS A 15 13.79 7.25 -26.47
N PRO A 16 14.58 6.74 -25.50
CA PRO A 16 15.97 6.42 -25.81
C PRO A 16 16.06 5.45 -26.98
N GLY A 17 17.00 5.73 -27.88
CA GLY A 17 17.23 4.90 -29.04
C GLY A 17 16.27 5.09 -30.21
N MET A 18 15.18 5.83 -30.03
CA MET A 18 14.20 5.94 -31.09
C MET A 18 14.45 7.22 -31.90
N ASP A 19 14.04 7.16 -33.16
CA ASP A 19 14.08 8.29 -34.07
C ASP A 19 12.67 8.78 -34.30
N GLY A 20 12.55 9.88 -35.04
CA GLY A 20 11.25 10.39 -35.37
C GLY A 20 10.58 9.51 -36.41
N PRO A 21 9.29 9.78 -36.63
CA PRO A 21 8.50 9.01 -37.60
C PRO A 21 8.86 9.31 -39.04
N LYS A 22 8.69 8.29 -39.90
CA LYS A 22 8.89 8.48 -41.32
C LYS A 22 7.77 7.73 -42.03
N VAL A 23 6.55 8.27 -41.95
CA VAL A 23 5.35 7.55 -42.36
C VAL A 23 4.90 8.09 -43.70
N LYS A 24 4.59 7.17 -44.62
CA LYS A 24 4.17 7.56 -45.96
C LYS A 24 2.88 8.36 -45.92
N GLN A 25 2.83 9.44 -46.68
CA GLN A 25 1.62 10.22 -46.83
C GLN A 25 0.68 9.48 -47.77
N TRP A 26 -0.54 9.23 -47.33
CA TRP A 26 -1.52 8.56 -48.16
C TRP A 26 -1.90 9.44 -49.34
N PRO A 27 -2.30 8.85 -50.46
CA PRO A 27 -2.81 9.66 -51.57
C PRO A 27 -4.16 10.28 -51.22
N LEU A 28 -4.38 11.50 -51.70
CA LEU A 28 -5.61 12.24 -51.43
C LEU A 28 -6.27 12.68 -52.73
N THR A 29 -7.61 12.84 -52.68
CA THR A 29 -8.34 13.35 -53.82
C THR A 29 -8.06 14.83 -54.03
N GLU A 30 -8.20 15.26 -55.29
CA GLU A 30 -7.91 16.65 -55.61
C GLU A 30 -8.73 17.60 -54.73
N GLU A 31 -9.96 17.22 -54.39
CA GLU A 31 -10.79 18.04 -53.53
C GLU A 31 -10.23 18.14 -52.10
N LYS A 32 -9.76 17.04 -51.53
CA LYS A 32 -9.21 17.11 -50.18
C LYS A 32 -7.95 17.97 -50.13
N ILE A 33 -7.12 17.89 -51.17
CA ILE A 33 -5.87 18.65 -51.18
C ILE A 33 -6.15 20.14 -51.16
N LYS A 34 -7.12 20.60 -51.97
CA LYS A 34 -7.36 22.04 -51.97
C LYS A 34 -7.86 22.49 -50.59
N ALA A 35 -8.67 21.66 -49.94
CA ALA A 35 -9.17 22.02 -48.62
C ALA A 35 -8.04 22.11 -47.61
N LEU A 36 -7.10 21.14 -47.64
CA LEU A 36 -5.97 21.16 -46.70
C LEU A 36 -5.07 22.36 -46.92
N VAL A 37 -4.88 22.77 -48.18
CA VAL A 37 -4.00 23.90 -48.45
C VAL A 37 -4.58 25.18 -47.87
N GLU A 38 -5.89 25.39 -48.08
CA GLU A 38 -6.56 26.54 -47.47
C GLU A 38 -6.42 26.49 -45.95
N ILE A 39 -6.74 25.36 -45.35
CA ILE A 39 -6.68 25.22 -43.89
C ILE A 39 -5.26 25.55 -43.39
N CYS A 40 -4.23 24.92 -43.98
CA CYS A 40 -2.86 25.12 -43.51
C CYS A 40 -2.36 26.53 -43.78
N THR A 41 -2.83 27.20 -44.84
CA THR A 41 -2.44 28.59 -45.05
C THR A 41 -2.94 29.46 -43.91
N GLU A 42 -4.17 29.23 -43.47
CA GLU A 42 -4.68 29.95 -42.32
C GLU A 42 -3.86 29.64 -41.06
N MET A 43 -3.65 28.35 -40.77
CA MET A 43 -2.83 27.98 -39.62
C MET A 43 -1.46 28.62 -39.69
N GLU A 44 -0.87 28.69 -40.89
CA GLU A 44 0.45 29.29 -41.01
C GLU A 44 0.40 30.79 -40.74
N LYS A 45 -0.65 31.45 -41.23
CA LYS A 45 -0.78 32.87 -40.96
C LYS A 45 -0.89 33.13 -39.47
N GLU A 46 -1.50 32.20 -38.73
CA GLU A 46 -1.67 32.30 -37.28
C GLU A 46 -0.43 31.87 -36.51
N GLY A 47 0.64 31.45 -37.17
CA GLY A 47 1.85 31.07 -36.47
C GLY A 47 1.89 29.64 -35.95
N LYS A 48 0.86 28.82 -36.21
CA LYS A 48 0.78 27.48 -35.63
C LYS A 48 1.69 26.47 -36.32
N ILE A 49 1.92 26.61 -37.63
CA ILE A 49 2.82 25.76 -38.40
C ILE A 49 3.72 26.64 -39.27
N SER A 50 4.85 26.07 -39.73
CA SER A 50 5.73 26.78 -40.68
C SER A 50 6.19 25.85 -41.81
N LYS A 51 6.30 26.38 -43.04
CA LYS A 51 6.83 25.59 -44.15
C LYS A 51 8.28 25.27 -43.90
N ILE A 52 8.71 24.07 -44.30
CA ILE A 52 10.07 23.64 -44.08
C ILE A 52 10.64 23.21 -45.43
N GLY A 53 11.97 23.23 -45.51
CA GLY A 53 12.67 22.76 -46.68
C GLY A 53 12.62 21.25 -46.82
N PRO A 54 13.34 20.71 -47.80
CA PRO A 54 13.30 19.26 -48.06
C PRO A 54 14.34 18.45 -47.28
N GLU A 55 15.18 19.11 -46.49
CA GLU A 55 16.20 18.41 -45.70
C GLU A 55 15.59 17.58 -44.58
N ASN A 56 14.52 18.06 -43.94
CA ASN A 56 13.88 17.33 -42.84
C ASN A 56 13.40 15.96 -43.34
N PRO A 57 13.85 14.85 -42.76
CA PRO A 57 13.49 13.53 -43.29
C PRO A 57 12.26 12.87 -42.64
N TYR A 58 11.53 13.56 -41.75
CA TYR A 58 10.47 12.96 -40.97
C TYR A 58 9.11 13.18 -41.63
N ASN A 59 8.13 12.36 -41.25
CA ASN A 59 6.81 12.59 -41.83
C ASN A 59 5.75 11.88 -41.03
N THR A 60 4.61 12.56 -40.90
CA THR A 60 3.38 12.05 -40.30
C THR A 60 2.23 12.27 -41.28
N PRO A 61 1.33 11.30 -41.45
CA PRO A 61 0.28 11.44 -42.46
C PRO A 61 -0.79 12.43 -42.03
N VAL A 62 -1.37 13.10 -43.01
CA VAL A 62 -2.44 14.05 -42.78
C VAL A 62 -3.67 13.61 -43.58
N PHE A 63 -4.86 13.83 -43.02
CA PHE A 63 -6.11 13.40 -43.63
C PHE A 63 -7.08 14.57 -43.71
N ALA A 64 -8.11 14.39 -44.54
CA ALA A 64 -9.21 15.33 -44.59
C ALA A 64 -10.51 14.57 -44.28
N ILE A 65 -11.23 15.03 -43.26
CA ILE A 65 -12.48 14.42 -42.83
C ILE A 65 -13.61 15.41 -43.02
N LYS A 66 -14.71 14.95 -43.65
CA LYS A 66 -15.89 15.77 -43.86
C LYS A 66 -16.62 15.93 -42.54
N LYS A 67 -16.62 17.16 -42.01
CA LYS A 67 -17.46 17.46 -40.86
C LYS A 67 -18.91 17.19 -41.22
N LYS A 68 -19.51 16.21 -40.54
CA LYS A 68 -20.80 15.67 -40.97
C LYS A 68 -21.84 16.77 -41.10
N ASP A 69 -22.67 16.65 -42.14
CA ASP A 69 -23.72 17.62 -42.48
C ASP A 69 -23.15 19.03 -42.60
N SER A 70 -22.12 19.16 -43.41
CA SER A 70 -21.47 20.43 -43.72
C SER A 70 -20.57 20.21 -44.92
N THR A 71 -20.47 21.23 -45.77
CA THR A 71 -19.49 21.22 -46.87
C THR A 71 -18.08 21.55 -46.37
N LYS A 72 -17.90 21.70 -45.07
CA LYS A 72 -16.63 22.06 -44.46
C LYS A 72 -15.77 20.81 -44.25
N TRP A 73 -14.55 20.81 -44.79
CA TRP A 73 -13.59 19.78 -44.48
C TRP A 73 -12.80 20.17 -43.22
N ARG A 74 -12.34 19.16 -42.50
CA ARG A 74 -11.50 19.34 -41.33
C ARG A 74 -10.20 18.56 -41.53
N LYS A 75 -9.09 19.13 -41.08
CA LYS A 75 -7.80 18.46 -41.16
C LYS A 75 -7.56 17.58 -39.93
N LEU A 76 -6.92 16.43 -40.18
CA LEU A 76 -6.49 15.51 -39.12
C LEU A 76 -5.06 15.08 -39.41
N VAL A 77 -4.12 15.50 -38.58
CA VAL A 77 -2.77 14.98 -38.63
C VAL A 77 -2.71 13.79 -37.68
N ASP A 78 -2.35 12.62 -38.21
CA ASP A 78 -2.44 11.37 -37.44
C ASP A 78 -1.11 11.10 -36.74
N PHE A 79 -1.00 11.48 -35.47
CA PHE A 79 0.29 11.38 -34.78
C PHE A 79 0.50 10.05 -34.06
N ARG A 80 -0.21 8.98 -34.44
CA ARG A 80 -0.04 7.73 -33.68
C ARG A 80 1.40 7.26 -33.67
N GLU A 81 2.12 7.41 -34.79
CA GLU A 81 3.50 6.92 -34.85
C GLU A 81 4.42 7.78 -34.00
N LEU A 82 4.32 9.11 -34.12
CA LEU A 82 5.17 9.96 -33.27
C LEU A 82 4.88 9.73 -31.79
N ASN A 83 3.62 9.50 -31.44
CA ASN A 83 3.28 9.25 -30.04
C ASN A 83 3.98 8.01 -29.48
N LYS A 84 4.06 6.94 -30.27
CA LYS A 84 4.79 5.77 -29.81
C LYS A 84 6.24 6.08 -29.52
N ARG A 85 6.79 7.08 -30.20
CA ARG A 85 8.21 7.38 -30.09
C ARG A 85 8.52 8.51 -29.12
N THR A 86 7.50 9.17 -28.61
CA THR A 86 7.68 10.32 -27.73
C THR A 86 7.80 9.85 -26.28
N GLN A 87 8.70 10.47 -25.53
CA GLN A 87 8.85 10.19 -24.10
C GLN A 87 7.53 10.17 -23.30
N ASP A 88 7.50 9.46 -22.18
CA ASP A 88 6.38 9.60 -21.25
C ASP A 88 6.49 10.93 -20.51
N PHE A 89 5.32 11.47 -20.09
CA PHE A 89 5.25 12.73 -19.36
C PHE A 89 4.61 12.49 -18.00
N TRP A 90 4.78 13.45 -17.08
CA TRP A 90 3.97 13.43 -15.85
C TRP A 90 2.52 13.75 -16.19
N GLU A 91 1.59 12.86 -15.83
CA GLU A 91 0.14 13.11 -16.03
C GLU A 91 -0.51 13.54 -14.70
N VAL A 92 -1.15 14.72 -14.68
CA VAL A 92 -1.76 15.26 -13.43
C VAL A 92 -3.21 14.77 -13.32
N GLN A 93 -3.90 14.61 -14.45
CA GLN A 93 -5.33 14.23 -14.45
C GLN A 93 -5.58 12.82 -13.86
N LEU A 94 -4.52 12.05 -13.63
CA LEU A 94 -4.65 10.69 -13.04
C LEU A 94 -5.65 10.71 -11.89
N GLY A 95 -5.42 11.55 -10.87
CA GLY A 95 -6.38 11.68 -9.77
C GLY A 95 -7.41 12.75 -10.07
N ILE A 96 -8.70 12.37 -10.16
CA ILE A 96 -9.77 13.38 -10.39
C ILE A 96 -10.42 13.76 -9.04
N PRO A 97 -10.79 15.04 -8.72
CA PRO A 97 -11.48 15.31 -7.44
C PRO A 97 -12.77 14.51 -7.37
N HIS A 98 -13.10 14.03 -6.14
CA HIS A 98 -14.44 13.49 -5.95
C HIS A 98 -15.36 14.62 -5.51
N PRO A 99 -16.56 14.73 -6.10
CA PRO A 99 -17.49 15.81 -5.69
C PRO A 99 -17.69 15.91 -4.18
N ALA A 100 -17.68 14.79 -3.47
CA ALA A 100 -17.95 14.84 -2.03
C ALA A 100 -16.84 15.53 -1.25
N GLY A 101 -15.63 15.68 -1.83
CA GLY A 101 -14.59 16.47 -1.18
C GLY A 101 -14.61 17.98 -1.49
N LEU A 102 -15.41 18.39 -2.47
CA LEU A 102 -15.50 19.79 -2.84
C LEU A 102 -16.17 20.56 -1.71
N LYS A 103 -16.03 21.88 -1.74
CA LYS A 103 -16.66 22.78 -0.80
C LYS A 103 -17.81 23.50 -1.51
N LYS A 104 -18.91 23.74 -0.78
CA LYS A 104 -19.99 24.54 -1.37
C LYS A 104 -19.46 25.89 -1.88
N LYS A 105 -19.99 26.36 -3.01
CA LYS A 105 -19.60 27.68 -3.50
C LYS A 105 -20.83 28.50 -3.86
N LYS A 106 -20.80 29.81 -3.57
CA LYS A 106 -21.95 30.63 -3.99
C LYS A 106 -21.95 30.91 -5.48
N SER A 107 -20.78 31.10 -6.10
CA SER A 107 -20.66 31.42 -7.51
C SER A 107 -19.55 30.60 -8.13
N VAL A 108 -19.77 30.12 -9.34
CA VAL A 108 -18.72 29.43 -10.10
C VAL A 108 -18.84 29.98 -11.52
N THR A 109 -17.78 30.64 -11.99
CA THR A 109 -17.77 31.22 -13.33
C THR A 109 -16.87 30.39 -14.23
N VAL A 110 -17.22 30.27 -15.51
CA VAL A 110 -16.39 29.57 -16.48
C VAL A 110 -15.73 30.58 -17.39
N LEU A 111 -14.49 30.30 -17.79
CA LEU A 111 -13.72 31.14 -18.70
C LEU A 111 -13.13 30.27 -19.77
N ASP A 112 -13.30 30.67 -21.04
CA ASP A 112 -12.77 29.89 -22.16
C ASP A 112 -11.32 30.27 -22.39
N VAL A 113 -10.44 29.28 -22.40
CA VAL A 113 -9.03 29.53 -22.67
C VAL A 113 -8.57 28.70 -23.86
N GLY A 114 -9.47 28.43 -24.80
CA GLY A 114 -9.07 27.75 -26.02
C GLY A 114 -8.00 28.48 -26.81
N ASP A 115 -8.07 29.81 -26.87
CA ASP A 115 -7.06 30.54 -27.65
C ASP A 115 -5.70 30.51 -26.95
N ALA A 116 -5.69 30.41 -25.62
CA ALA A 116 -4.43 30.30 -24.89
C ALA A 116 -3.67 29.06 -25.29
N TYR A 117 -4.41 27.97 -25.56
CA TYR A 117 -3.78 26.67 -25.91
C TYR A 117 -2.62 26.85 -26.88
N PHE A 118 -2.82 27.56 -27.98
CA PHE A 118 -1.76 27.62 -28.98
C PHE A 118 -0.90 28.88 -28.87
N SER A 119 -1.08 29.69 -27.83
CA SER A 119 0.08 30.48 -27.44
C SER A 119 1.18 29.63 -26.80
N VAL A 120 0.96 28.33 -26.57
CA VAL A 120 1.95 27.47 -25.93
C VAL A 120 2.90 26.95 -27.00
N PRO A 121 4.15 27.41 -27.03
CA PRO A 121 5.10 26.90 -28.02
C PRO A 121 5.54 25.48 -27.75
N LEU A 122 5.84 24.81 -28.85
CA LEU A 122 6.50 23.51 -28.85
C LEU A 122 8.01 23.71 -28.83
N ASP A 123 8.70 22.95 -27.96
CA ASP A 123 10.16 22.90 -27.90
C ASP A 123 10.79 22.95 -29.29
N GLU A 124 11.57 24.01 -29.55
CA GLU A 124 12.12 24.24 -30.87
C GLU A 124 12.82 23.00 -31.43
N ASP A 125 13.55 22.25 -30.59
CA ASP A 125 14.33 21.10 -31.05
C ASP A 125 13.47 19.86 -31.36
N PHE A 126 12.21 19.86 -30.93
CA PHE A 126 11.32 18.74 -31.20
C PHE A 126 10.46 18.98 -32.44
N ARG A 127 10.29 20.24 -32.87
CA ARG A 127 9.39 20.57 -33.97
C ARG A 127 9.62 19.71 -35.20
N LYS A 128 10.89 19.44 -35.54
CA LYS A 128 11.19 18.71 -36.77
C LYS A 128 10.47 17.37 -36.81
N TYR A 129 10.26 16.74 -35.66
CA TYR A 129 9.59 15.45 -35.62
C TYR A 129 8.11 15.53 -35.97
N THR A 130 7.48 16.74 -35.99
CA THR A 130 6.07 16.91 -36.30
C THR A 130 5.80 17.17 -37.78
N ALA A 131 6.79 17.00 -38.66
CA ALA A 131 6.65 17.33 -40.08
C ALA A 131 5.54 16.53 -40.74
N PHE A 132 4.80 17.19 -41.65
CA PHE A 132 3.79 16.50 -42.45
C PHE A 132 3.80 17.09 -43.86
N THR A 133 3.07 16.44 -44.78
CA THR A 133 3.13 16.79 -46.20
C THR A 133 1.72 16.84 -46.76
N ILE A 134 1.34 17.97 -47.34
CA ILE A 134 0.15 17.99 -48.18
C ILE A 134 0.55 17.52 -49.57
N PRO A 135 -0.05 16.46 -50.11
CA PRO A 135 0.34 16.02 -51.46
C PRO A 135 0.02 17.11 -52.47
N SER A 136 0.73 17.10 -53.59
CA SER A 136 0.40 18.12 -54.59
C SER A 136 -0.68 17.60 -55.53
N ILE A 137 -1.37 18.54 -56.18
CA ILE A 137 -2.34 18.21 -57.22
C ILE A 137 -1.66 17.39 -58.32
N ASN A 138 -2.21 16.20 -58.61
CA ASN A 138 -1.72 15.32 -59.67
C ASN A 138 -0.31 14.81 -59.40
N ASN A 139 0.20 15.04 -58.21
CA ASN A 139 1.57 14.70 -57.80
C ASN A 139 2.62 15.17 -58.82
N GLU A 140 2.45 16.38 -59.39
CA GLU A 140 3.39 16.90 -60.38
C GLU A 140 4.39 17.92 -59.80
N THR A 141 4.27 18.28 -58.53
CA THR A 141 5.20 19.14 -57.82
C THR A 141 5.47 18.55 -56.45
N PRO A 142 6.55 18.97 -55.77
CA PRO A 142 6.77 18.47 -54.39
C PRO A 142 5.57 18.83 -53.52
N GLY A 143 5.19 17.91 -52.65
CA GLY A 143 4.16 18.25 -51.68
C GLY A 143 4.63 19.37 -50.78
N ILE A 144 3.69 20.14 -50.25
CA ILE A 144 4.02 21.22 -49.35
C ILE A 144 4.32 20.63 -47.97
N ARG A 145 5.44 21.03 -47.39
CA ARG A 145 5.94 20.47 -46.14
C ARG A 145 5.81 21.53 -45.04
N TYR A 146 5.30 21.11 -43.88
CA TYR A 146 5.10 21.97 -42.72
C TYR A 146 5.56 21.25 -41.49
N GLN A 147 5.84 22.03 -40.44
CA GLN A 147 6.03 21.46 -39.10
C GLN A 147 5.32 22.35 -38.08
N TYR A 148 5.06 21.79 -36.90
CA TYR A 148 4.33 22.53 -35.87
C TYR A 148 5.26 23.44 -35.08
N ASN A 149 4.75 24.61 -34.71
CA ASN A 149 5.39 25.47 -33.72
C ASN A 149 4.67 25.48 -32.39
N VAL A 150 3.48 24.87 -32.33
CA VAL A 150 2.68 24.88 -31.11
C VAL A 150 2.33 23.44 -30.81
N LEU A 151 1.76 23.21 -29.63
CA LEU A 151 1.35 21.86 -29.26
C LEU A 151 0.30 21.34 -30.23
N PRO A 152 0.57 20.25 -30.96
CA PRO A 152 -0.44 19.72 -31.89
C PRO A 152 -1.53 18.95 -31.16
N GLN A 153 -2.78 19.18 -31.58
CA GLN A 153 -3.87 18.33 -31.16
C GLN A 153 -3.56 16.88 -31.50
N GLY A 154 -3.77 15.98 -30.55
CA GLY A 154 -3.54 14.56 -30.79
C GLY A 154 -2.12 14.09 -30.56
N TRP A 155 -1.16 14.99 -30.32
CA TRP A 155 0.17 14.59 -29.94
C TRP A 155 0.22 14.26 -28.45
N LYS A 156 1.04 13.27 -28.13
CA LYS A 156 1.07 12.66 -26.79
C LYS A 156 1.32 13.68 -25.69
N GLY A 157 2.23 14.63 -25.92
CA GLY A 157 2.61 15.54 -24.84
C GLY A 157 1.75 16.78 -24.66
N SER A 158 0.78 17.01 -25.57
CA SER A 158 0.03 18.27 -25.55
C SER A 158 -0.81 18.46 -24.30
N PRO A 159 -1.63 17.49 -23.79
CA PRO A 159 -2.41 17.73 -22.56
C PRO A 159 -1.52 18.10 -21.37
N ALA A 160 -0.45 17.35 -21.14
CA ALA A 160 0.42 17.58 -19.97
C ALA A 160 1.10 18.94 -20.06
N ILE A 161 1.63 19.27 -21.24
CA ILE A 161 2.38 20.55 -21.37
C ILE A 161 1.41 21.74 -21.28
N PHE A 162 0.21 21.61 -21.87
CA PHE A 162 -0.80 22.70 -21.75
C PHE A 162 -1.14 22.89 -20.27
N GLN A 163 -1.48 21.81 -19.58
CA GLN A 163 -1.87 21.89 -18.16
C GLN A 163 -0.73 22.52 -17.35
N SER A 164 0.49 22.01 -17.50
CA SER A 164 1.66 22.53 -16.75
C SER A 164 1.85 24.02 -17.01
N SER A 165 1.70 24.42 -18.27
CA SER A 165 1.91 25.84 -18.64
C SER A 165 0.84 26.73 -18.00
N MET A 166 -0.41 26.31 -18.05
CA MET A 166 -1.52 27.12 -17.47
C MET A 166 -1.37 27.14 -15.94
N THR A 167 -1.02 26.01 -15.34
CA THR A 167 -0.84 25.92 -13.86
C THR A 167 0.22 26.93 -13.43
N LYS A 168 1.35 26.98 -14.12
CA LYS A 168 2.45 27.91 -13.78
C LYS A 168 1.94 29.35 -13.88
N ILE A 169 1.14 29.64 -14.90
CA ILE A 169 0.57 31.00 -15.08
C ILE A 169 -0.41 31.29 -13.94
N LEU A 170 -1.28 30.34 -13.59
CA LEU A 170 -2.33 30.59 -12.58
C LEU A 170 -1.78 30.60 -11.15
N GLU A 171 -0.68 29.88 -10.88
CA GLU A 171 -0.11 29.76 -9.51
C GLU A 171 -0.11 31.11 -8.78
N PRO A 172 0.54 32.20 -9.24
CA PRO A 172 0.57 33.45 -8.47
C PRO A 172 -0.83 34.03 -8.19
N PHE A 173 -1.73 34.00 -9.17
CA PHE A 173 -3.11 34.49 -8.96
C PHE A 173 -3.76 33.71 -7.82
N ALA A 174 -3.72 32.38 -7.90
CA ALA A 174 -4.35 31.53 -6.85
C ALA A 174 -3.74 31.84 -5.49
N ALA A 175 -2.42 31.89 -5.39
CA ALA A 175 -1.75 32.12 -4.10
C ALA A 175 -2.14 33.48 -3.51
N GLN A 176 -2.23 34.51 -4.36
CA GLN A 176 -2.51 35.88 -3.86
C GLN A 176 -4.01 36.12 -3.76
N ASN A 177 -4.84 35.14 -4.16
CA ASN A 177 -6.32 35.25 -4.02
C ASN A 177 -6.81 33.97 -3.35
N PRO A 178 -6.52 33.75 -2.05
CA PRO A 178 -6.88 32.48 -1.40
C PRO A 178 -8.38 32.34 -1.18
N ASP A 179 -9.14 33.37 -1.53
CA ASP A 179 -10.59 33.32 -1.33
C ASP A 179 -11.33 32.84 -2.57
N ILE A 180 -10.61 32.36 -3.60
CA ILE A 180 -11.22 31.68 -4.74
C ILE A 180 -10.54 30.32 -4.94
N VAL A 181 -11.25 29.43 -5.66
CA VAL A 181 -10.69 28.20 -6.20
C VAL A 181 -10.70 28.27 -7.72
N ILE A 182 -9.69 27.69 -8.35
CA ILE A 182 -9.61 27.64 -9.84
C ILE A 182 -9.36 26.19 -10.27
N TYR A 183 -10.08 25.73 -11.29
CA TYR A 183 -9.89 24.36 -11.82
C TYR A 183 -9.93 24.40 -13.34
N GLN A 184 -8.97 23.71 -13.97
CA GLN A 184 -8.92 23.65 -15.46
C GLN A 184 -9.46 22.30 -15.94
N TYR A 185 -10.43 22.34 -16.85
CA TYR A 185 -10.97 21.11 -17.46
C TYR A 185 -11.09 21.39 -18.94
N MET A 186 -10.37 20.62 -19.76
CA MET A 186 -10.32 20.83 -21.23
C MET A 186 -9.81 22.26 -21.51
N ASP A 187 -10.60 23.07 -22.20
CA ASP A 187 -10.17 24.43 -22.58
C ASP A 187 -10.92 25.46 -21.75
N ASP A 188 -11.30 25.10 -20.53
CA ASP A 188 -12.06 26.04 -19.68
C ASP A 188 -11.45 26.15 -18.28
N LEU A 189 -11.54 27.33 -17.68
CA LEU A 189 -11.12 27.52 -16.29
C LEU A 189 -12.41 27.73 -15.52
N TYR A 190 -12.59 27.05 -14.41
CA TYR A 190 -13.74 27.24 -13.54
C TYR A 190 -13.27 27.95 -12.29
N VAL A 191 -13.91 29.06 -11.95
CA VAL A 191 -13.49 29.87 -10.81
C VAL A 191 -14.64 29.97 -9.84
N GLY A 192 -14.45 29.47 -8.63
CA GLY A 192 -15.50 29.45 -7.63
C GLY A 192 -15.13 30.29 -6.44
N SER A 193 -16.15 30.83 -5.76
CA SER A 193 -15.85 31.60 -4.55
C SER A 193 -17.10 31.74 -3.71
N ASP A 194 -16.89 32.19 -2.47
CA ASP A 194 -17.97 32.60 -1.58
C ASP A 194 -18.05 34.11 -1.46
N LEU A 195 -17.61 34.84 -2.48
CA LEU A 195 -17.71 36.29 -2.45
C LEU A 195 -19.09 36.73 -2.95
N GLU A 196 -19.55 37.90 -2.46
CA GLU A 196 -20.72 38.53 -3.07
C GLU A 196 -20.47 38.71 -4.57
N ILE A 197 -21.54 38.68 -5.35
CA ILE A 197 -21.40 38.60 -6.81
C ILE A 197 -20.51 39.73 -7.34
N GLY A 198 -20.58 40.93 -6.74
CA GLY A 198 -19.77 42.04 -7.20
C GLY A 198 -18.29 41.79 -7.09
N GLN A 199 -17.82 41.46 -5.87
CA GLN A 199 -16.43 41.11 -5.64
C GLN A 199 -16.02 39.89 -6.47
N HIS A 200 -16.92 38.90 -6.60
CA HIS A 200 -16.61 37.71 -7.39
C HIS A 200 -16.35 38.10 -8.85
N ARG A 201 -17.25 38.89 -9.45
CA ARG A 201 -17.01 39.33 -10.81
C ARG A 201 -15.75 40.19 -10.92
N THR A 202 -15.39 40.91 -9.85
CA THR A 202 -14.14 41.67 -9.85
C THR A 202 -12.96 40.71 -9.94
N LYS A 203 -13.01 39.60 -9.17
CA LYS A 203 -11.93 38.63 -9.23
C LYS A 203 -11.79 38.09 -10.64
N ILE A 204 -12.91 37.85 -11.32
CA ILE A 204 -12.87 37.33 -12.69
C ILE A 204 -12.17 38.30 -13.62
N GLU A 205 -12.55 39.58 -13.53
CA GLU A 205 -11.90 40.61 -14.32
C GLU A 205 -10.40 40.63 -14.07
N GLU A 206 -10.01 40.52 -12.79
CA GLU A 206 -8.60 40.54 -12.43
C GLU A 206 -7.89 39.34 -13.01
N LEU A 207 -8.56 38.17 -13.03
CA LEU A 207 -7.96 36.98 -13.65
C LEU A 207 -7.74 37.20 -15.15
N ARG A 208 -8.74 37.76 -15.83
CA ARG A 208 -8.57 38.10 -17.24
C ARG A 208 -7.39 39.06 -17.44
N GLN A 209 -7.24 40.03 -16.55
CA GLN A 209 -6.11 40.95 -16.63
C GLN A 209 -4.78 40.24 -16.40
N HIS A 210 -4.75 39.32 -15.41
CA HIS A 210 -3.58 38.49 -15.19
C HIS A 210 -3.24 37.68 -16.43
N LEU A 211 -4.25 37.03 -17.03
CA LEU A 211 -3.96 36.21 -18.19
C LEU A 211 -3.42 37.03 -19.35
N LEU A 212 -3.83 38.31 -19.46
CA LEU A 212 -3.35 39.17 -20.55
C LEU A 212 -1.84 39.40 -20.49
N ARG A 213 -1.24 39.28 -19.29
CA ARG A 213 0.21 39.42 -19.17
CA ARG A 213 0.20 39.43 -19.16
C ARG A 213 0.94 38.46 -20.10
N TRP A 214 0.30 37.33 -20.44
CA TRP A 214 0.89 36.36 -21.36
C TRP A 214 0.23 36.44 -22.72
N GLY A 215 -0.62 37.45 -22.93
CA GLY A 215 -1.27 37.63 -24.21
C GLY A 215 -2.41 36.68 -24.44
N LEU A 216 -2.95 36.09 -23.37
CA LEU A 216 -4.03 35.12 -23.46
C LEU A 216 -5.36 35.86 -23.33
N THR A 217 -6.17 35.80 -24.39
CA THR A 217 -7.44 36.49 -24.48
C THR A 217 -8.56 35.53 -24.12
N THR A 218 -9.54 36.03 -23.38
CA THR A 218 -10.71 35.26 -23.04
C THR A 218 -11.95 35.97 -23.58
N PRO A 219 -12.92 35.22 -24.11
CA PRO A 219 -14.11 35.83 -24.69
C PRO A 219 -14.84 36.76 -23.71
N ASP A 220 -15.30 37.89 -24.25
CA ASP A 220 -16.09 38.85 -23.46
C ASP A 220 -17.51 38.34 -23.25
N LYS A 221 -18.15 37.88 -24.33
CA LYS A 221 -19.47 37.25 -24.23
C LYS A 221 -19.34 36.02 -23.33
N LYS A 222 -19.77 36.17 -22.07
CA LYS A 222 -19.45 35.18 -21.05
C LYS A 222 -20.01 33.81 -21.41
N HIS A 223 -19.41 32.79 -20.79
CA HIS A 223 -19.63 31.40 -21.18
C HIS A 223 -21.12 31.03 -21.11
N GLN A 224 -21.53 30.14 -22.04
CA GLN A 224 -22.89 29.62 -22.02
C GLN A 224 -23.08 28.59 -20.92
N LYS A 225 -22.05 27.81 -20.60
CA LYS A 225 -22.16 26.82 -19.54
C LYS A 225 -22.31 27.51 -18.19
N GLU A 226 -23.28 27.04 -17.40
CA GLU A 226 -23.65 27.60 -16.11
C GLU A 226 -24.26 26.50 -15.26
N PRO A 227 -24.14 26.57 -13.94
CA PRO A 227 -24.60 25.45 -13.07
C PRO A 227 -26.02 25.03 -13.39
N PRO A 228 -26.30 23.71 -13.39
CA PRO A 228 -25.39 22.59 -13.05
C PRO A 228 -24.37 22.21 -14.15
N PHE A 229 -23.19 21.76 -13.72
CA PHE A 229 -22.17 21.28 -14.64
C PHE A 229 -22.27 19.76 -14.78
N LEU A 230 -22.20 19.28 -16.02
CA LEU A 230 -22.05 17.87 -16.32
C LEU A 230 -20.55 17.60 -16.49
N TRP A 231 -19.97 16.79 -15.59
CA TRP A 231 -18.53 16.69 -15.48
C TRP A 231 -18.20 15.30 -14.98
N MET A 232 -17.52 14.51 -15.81
CA MET A 232 -16.95 13.23 -15.39
C MET A 232 -18.04 12.30 -14.85
N GLY A 233 -19.25 12.40 -15.40
CA GLY A 233 -20.35 11.54 -14.97
C GLY A 233 -21.12 12.04 -13.78
N TYR A 234 -20.80 13.24 -13.29
CA TYR A 234 -21.48 13.85 -12.17
C TYR A 234 -22.29 15.05 -12.65
N GLU A 235 -23.17 15.50 -11.76
CA GLU A 235 -23.80 16.81 -11.85
C GLU A 235 -23.33 17.61 -10.65
N LEU A 236 -22.65 18.73 -10.91
CA LEU A 236 -22.22 19.62 -9.84
C LEU A 236 -23.20 20.80 -9.80
N HIS A 237 -23.80 21.06 -8.63
CA HIS A 237 -24.60 22.25 -8.39
C HIS A 237 -23.89 23.13 -7.35
N PRO A 238 -24.33 24.36 -7.15
CA PRO A 238 -23.63 25.23 -6.19
C PRO A 238 -23.55 24.65 -4.79
N ASP A 239 -24.57 23.91 -4.35
CA ASP A 239 -24.62 23.48 -2.97
C ASP A 239 -24.93 22.00 -2.80
N LYS A 240 -24.86 21.22 -3.89
CA LYS A 240 -25.08 19.78 -3.81
C LYS A 240 -24.55 19.17 -5.09
N TRP A 241 -24.46 17.83 -5.11
CA TRP A 241 -23.91 17.11 -6.24
C TRP A 241 -24.66 15.80 -6.38
N THR A 242 -24.62 15.24 -7.58
CA THR A 242 -25.11 13.88 -7.73
C THR A 242 -24.45 13.24 -8.95
N VAL A 243 -24.81 11.98 -9.20
CA VAL A 243 -24.36 11.33 -10.43
C VAL A 243 -25.36 11.68 -11.53
N GLN A 244 -24.89 11.67 -12.78
CA GLN A 244 -25.81 11.91 -13.89
C GLN A 244 -26.84 10.77 -13.91
N PRO A 245 -28.02 11.03 -14.48
CA PRO A 245 -29.14 10.08 -14.36
C PRO A 245 -28.75 8.63 -14.65
N ILE A 246 -29.13 7.74 -13.74
CA ILE A 246 -28.87 6.31 -13.86
C ILE A 246 -30.20 5.65 -14.24
N VAL A 247 -30.27 5.06 -15.44
CA VAL A 247 -31.50 4.44 -15.92
C VAL A 247 -31.21 2.99 -16.27
N LEU A 248 -31.76 2.06 -15.48
CA LEU A 248 -31.56 0.64 -15.75
C LEU A 248 -32.53 0.19 -16.83
N PRO A 249 -32.06 -0.35 -17.95
CA PRO A 249 -32.97 -0.68 -19.05
C PRO A 249 -33.90 -1.84 -18.70
N GLU A 250 -35.07 -1.84 -19.34
CA GLU A 250 -35.95 -3.00 -19.32
C GLU A 250 -35.50 -3.99 -20.39
N LYS A 251 -35.40 -5.26 -20.03
CA LYS A 251 -34.93 -6.25 -20.99
C LYS A 251 -35.59 -7.58 -20.69
N ASP A 252 -36.03 -8.26 -21.75
CA ASP A 252 -36.63 -9.57 -21.56
C ASP A 252 -35.56 -10.65 -21.40
N SER A 253 -34.42 -10.48 -22.07
CA SER A 253 -33.29 -11.38 -21.92
C SER A 253 -32.01 -10.56 -21.85
N TRP A 254 -31.05 -11.07 -21.10
CA TRP A 254 -29.84 -10.35 -20.75
C TRP A 254 -28.60 -11.07 -21.29
N THR A 255 -27.71 -10.29 -21.87
CA THR A 255 -26.46 -10.72 -22.46
C THR A 255 -25.31 -10.49 -21.48
N VAL A 256 -24.20 -11.23 -21.67
CA VAL A 256 -22.96 -10.93 -20.95
C VAL A 256 -22.69 -9.43 -20.95
N ASN A 257 -22.68 -8.84 -22.15
CA ASN A 257 -22.34 -7.42 -22.27
C ASN A 257 -23.36 -6.55 -21.56
N ASP A 258 -24.64 -6.90 -21.65
CA ASP A 258 -25.67 -6.13 -20.95
C ASP A 258 -25.45 -6.16 -19.45
N ILE A 259 -25.04 -7.31 -18.91
CA ILE A 259 -24.83 -7.41 -17.47
C ILE A 259 -23.59 -6.61 -17.04
N GLN A 260 -22.57 -6.56 -17.89
CA GLN A 260 -21.39 -5.75 -17.58
C GLN A 260 -21.75 -4.27 -17.53
N LYS A 261 -22.60 -3.81 -18.46
CA LYS A 261 -23.02 -2.41 -18.43
C LYS A 261 -23.93 -2.12 -17.27
N LEU A 262 -24.78 -3.08 -16.89
CA LEU A 262 -25.66 -2.89 -15.74
C LEU A 262 -24.85 -2.79 -14.44
N VAL A 263 -23.87 -3.68 -14.25
CA VAL A 263 -23.05 -3.62 -13.05
C VAL A 263 -22.25 -2.33 -13.02
N GLY A 264 -21.73 -1.88 -14.17
CA GLY A 264 -21.02 -0.62 -14.19
C GLY A 264 -21.89 0.57 -13.77
N LYS A 265 -23.14 0.60 -14.27
CA LYS A 265 -24.08 1.64 -13.85
C LYS A 265 -24.37 1.56 -12.35
N LEU A 266 -24.57 0.35 -11.83
CA LEU A 266 -24.84 0.19 -10.42
C LEU A 266 -23.63 0.63 -9.58
N ASN A 267 -22.42 0.24 -10.01
CA ASN A 267 -21.22 0.66 -9.28
C ASN A 267 -21.11 2.17 -9.27
N TRP A 268 -21.32 2.81 -10.42
CA TRP A 268 -21.32 4.27 -10.48
C TRP A 268 -22.38 4.85 -9.54
N ALA A 269 -23.59 4.26 -9.53
CA ALA A 269 -24.68 4.76 -8.68
C ALA A 269 -24.38 4.63 -7.19
N SER A 270 -23.62 3.61 -6.80
CA SER A 270 -23.41 3.28 -5.40
C SER A 270 -22.66 4.34 -4.63
N GLN A 271 -22.07 5.32 -5.32
CA GLN A 271 -21.39 6.37 -4.58
C GLN A 271 -22.33 7.44 -4.01
N ILE A 272 -23.64 7.40 -4.29
CA ILE A 272 -24.56 8.33 -3.60
C ILE A 272 -25.90 7.67 -3.28
N TYR A 273 -26.26 6.62 -4.01
CA TYR A 273 -27.49 5.88 -3.72
C TYR A 273 -27.19 4.80 -2.68
N PRO A 274 -27.72 4.90 -1.47
CA PRO A 274 -27.33 3.96 -0.43
C PRO A 274 -27.87 2.58 -0.72
N GLY A 275 -27.07 1.57 -0.40
CA GLY A 275 -27.58 0.21 -0.41
C GLY A 275 -27.56 -0.53 -1.73
N ILE A 276 -27.07 0.07 -2.81
CA ILE A 276 -26.95 -0.65 -4.07
C ILE A 276 -26.22 -1.98 -3.84
N LYS A 277 -26.71 -3.05 -4.49
CA LYS A 277 -26.08 -4.38 -4.37
C LYS A 277 -25.78 -4.94 -5.76
N VAL A 278 -24.64 -5.65 -5.89
CA VAL A 278 -24.24 -6.18 -7.20
C VAL A 278 -23.70 -7.62 -7.11
N ARG A 279 -23.78 -8.25 -5.93
CA ARG A 279 -23.16 -9.59 -5.78
C ARG A 279 -23.78 -10.60 -6.76
N GLN A 280 -25.10 -10.79 -6.66
CA GLN A 280 -25.78 -11.82 -7.46
C GLN A 280 -25.71 -11.51 -8.95
N LEU A 281 -25.65 -10.23 -9.33
CA LEU A 281 -25.52 -9.89 -10.75
C LEU A 281 -24.10 -10.10 -11.25
N SER A 282 -23.10 -9.87 -10.39
CA SER A 282 -21.71 -10.13 -10.77
C SER A 282 -21.40 -11.62 -10.78
N LYS A 283 -22.10 -12.40 -9.94
CA LYS A 283 -21.97 -13.85 -10.00
C LYS A 283 -22.25 -14.40 -11.40
N LEU A 284 -23.09 -13.72 -12.20
CA LEU A 284 -23.41 -14.26 -13.52
C LEU A 284 -22.29 -14.02 -14.53
N LEU A 285 -21.33 -13.16 -14.20
CA LEU A 285 -20.18 -12.90 -15.06
C LEU A 285 -18.99 -13.81 -14.75
N ARG A 286 -19.16 -14.78 -13.84
CA ARG A 286 -18.04 -15.58 -13.38
C ARG A 286 -17.41 -16.35 -14.54
N GLY A 287 -16.13 -16.10 -14.76
CA GLY A 287 -15.37 -16.84 -15.77
C GLY A 287 -15.58 -16.48 -17.22
N THR A 288 -16.83 -16.41 -17.66
CA THR A 288 -17.13 -16.26 -19.08
C THR A 288 -16.91 -14.82 -19.53
N LYS A 289 -16.51 -14.69 -20.80
CA LYS A 289 -16.34 -13.39 -21.43
C LYS A 289 -16.69 -13.47 -22.92
N ALA A 290 -17.74 -14.21 -23.24
CA ALA A 290 -18.29 -14.23 -24.60
C ALA A 290 -19.38 -13.16 -24.66
N LEU A 291 -19.00 -11.96 -25.11
CA LEU A 291 -19.78 -10.73 -24.91
C LEU A 291 -21.22 -10.80 -25.39
N THR A 292 -21.55 -11.81 -26.20
CA THR A 292 -22.89 -11.95 -26.76
C THR A 292 -23.69 -13.09 -26.13
N GLU A 293 -23.09 -13.90 -25.27
CA GLU A 293 -23.81 -15.03 -24.69
C GLU A 293 -24.90 -14.53 -23.75
N VAL A 294 -26.09 -15.14 -23.85
CA VAL A 294 -27.20 -14.85 -22.96
C VAL A 294 -27.09 -15.72 -21.72
N ILE A 295 -27.40 -15.14 -20.57
CA ILE A 295 -27.38 -15.88 -19.31
C ILE A 295 -28.75 -15.72 -18.66
N PRO A 296 -29.39 -16.81 -18.27
CA PRO A 296 -30.60 -16.70 -17.44
C PRO A 296 -30.28 -16.04 -16.12
N LEU A 297 -31.13 -15.10 -15.72
CA LEU A 297 -31.04 -14.47 -14.41
C LEU A 297 -31.61 -15.43 -13.37
N THR A 298 -30.78 -15.79 -12.39
CA THR A 298 -31.30 -16.52 -11.25
C THR A 298 -32.40 -15.71 -10.55
N GLU A 299 -33.22 -16.41 -9.78
CA GLU A 299 -34.21 -15.72 -8.96
C GLU A 299 -33.55 -14.72 -8.01
N GLU A 300 -32.34 -15.03 -7.52
CA GLU A 300 -31.63 -14.14 -6.61
C GLU A 300 -31.13 -12.89 -7.32
N ALA A 301 -30.72 -13.01 -8.58
CA ALA A 301 -30.33 -11.84 -9.35
C ALA A 301 -31.52 -10.95 -9.67
N GLU A 302 -32.69 -11.53 -9.95
CA GLU A 302 -33.90 -10.72 -10.20
C GLU A 302 -34.30 -9.94 -8.96
N LEU A 303 -34.24 -10.58 -7.78
CA LEU A 303 -34.50 -9.91 -6.51
C LEU A 303 -33.56 -8.73 -6.32
N GLU A 304 -32.27 -8.95 -6.60
CA GLU A 304 -31.29 -7.88 -6.47
C GLU A 304 -31.56 -6.74 -7.45
N LEU A 305 -31.79 -7.09 -8.73
CA LEU A 305 -32.14 -6.06 -9.71
C LEU A 305 -33.38 -5.28 -9.29
N ALA A 306 -34.45 -5.96 -8.91
CA ALA A 306 -35.66 -5.31 -8.39
C ALA A 306 -35.36 -4.36 -7.24
N GLU A 307 -34.57 -4.83 -6.27
CA GLU A 307 -34.21 -3.98 -5.15
C GLU A 307 -33.50 -2.72 -5.64
N ASN A 308 -32.62 -2.87 -6.65
CA ASN A 308 -31.85 -1.72 -7.16
C ASN A 308 -32.77 -0.74 -7.88
N ARG A 309 -33.73 -1.23 -8.66
CA ARG A 309 -34.66 -0.33 -9.33
C ARG A 309 -35.38 0.53 -8.31
N GLU A 310 -35.83 -0.08 -7.22
CA GLU A 310 -36.49 0.67 -6.17
C GLU A 310 -35.58 1.77 -5.62
N ILE A 311 -34.32 1.42 -5.33
CA ILE A 311 -33.36 2.40 -4.84
C ILE A 311 -33.16 3.53 -5.84
N LEU A 312 -33.24 3.23 -7.14
CA LEU A 312 -32.97 4.24 -8.16
C LEU A 312 -34.23 4.96 -8.63
N LYS A 313 -35.34 4.81 -7.89
CA LYS A 313 -36.64 5.37 -8.29
C LYS A 313 -36.62 6.89 -8.43
N GLU A 314 -35.96 7.59 -7.51
CA GLU A 314 -36.03 9.04 -7.51
C GLU A 314 -34.65 9.59 -7.24
N PRO A 315 -34.38 10.85 -7.58
CA PRO A 315 -33.02 11.36 -7.44
C PRO A 315 -32.59 11.46 -5.99
N VAL A 316 -31.29 11.28 -5.76
CA VAL A 316 -30.66 11.45 -4.47
C VAL A 316 -29.48 12.36 -4.72
N HIS A 317 -29.18 13.26 -3.79
CA HIS A 317 -28.03 14.13 -3.92
C HIS A 317 -27.15 14.03 -2.68
N GLY A 318 -25.85 14.30 -2.89
CA GLY A 318 -24.91 14.45 -1.79
C GLY A 318 -24.72 15.91 -1.45
N VAL A 319 -24.27 16.18 -0.22
CA VAL A 319 -23.85 17.53 0.13
C VAL A 319 -22.35 17.63 -0.04
N TYR A 320 -21.84 18.86 0.04
CA TYR A 320 -20.40 19.07 -0.04
C TYR A 320 -19.78 19.03 1.36
N TYR A 321 -18.46 19.14 1.40
CA TYR A 321 -17.65 18.98 2.61
C TYR A 321 -17.58 20.31 3.38
N ASP A 322 -17.87 20.25 4.68
CA ASP A 322 -17.64 21.39 5.59
C ASP A 322 -16.43 21.09 6.47
N PRO A 323 -15.26 21.67 6.22
CA PRO A 323 -14.07 21.29 7.00
C PRO A 323 -14.19 21.62 8.48
N SER A 324 -15.20 22.39 8.90
CA SER A 324 -15.30 22.71 10.31
C SER A 324 -15.94 21.60 11.15
N LYS A 325 -16.43 20.53 10.52
CA LYS A 325 -17.21 19.52 11.21
C LYS A 325 -16.57 18.14 11.05
N ASP A 326 -16.80 17.28 12.05
CA ASP A 326 -16.28 15.93 11.95
C ASP A 326 -16.92 15.20 10.78
N LEU A 327 -16.21 14.21 10.26
CA LEU A 327 -16.70 13.26 9.26
C LEU A 327 -17.07 11.99 10.00
N ILE A 328 -18.23 11.42 9.68
CA ILE A 328 -18.69 10.18 10.30
C ILE A 328 -18.92 9.16 9.20
N ALA A 329 -18.53 7.89 9.45
CA ALA A 329 -18.77 6.82 8.48
C ALA A 329 -19.50 5.71 9.21
N GLU A 330 -20.64 5.28 8.65
CA GLU A 330 -21.42 4.20 9.23
C GLU A 330 -21.46 3.06 8.23
N ILE A 331 -21.42 1.82 8.73
CA ILE A 331 -21.30 0.66 7.86
C ILE A 331 -22.39 -0.32 8.26
N GLN A 332 -23.03 -0.94 7.25
CA GLN A 332 -23.98 -2.03 7.52
C GLN A 332 -23.55 -3.29 6.78
N LYS A 333 -23.80 -4.44 7.40
CA LYS A 333 -23.63 -5.72 6.75
C LYS A 333 -24.87 -6.01 5.92
N GLN A 334 -24.68 -6.38 4.65
CA GLN A 334 -25.81 -6.67 3.78
C GLN A 334 -26.02 -8.14 3.49
N GLY A 335 -25.06 -9.01 3.80
CA GLY A 335 -25.20 -10.42 3.44
C GLY A 335 -24.38 -10.78 2.20
N GLN A 336 -23.97 -12.06 2.12
CA GLN A 336 -23.20 -12.61 0.98
C GLN A 336 -21.93 -11.80 0.69
N GLY A 337 -21.24 -11.39 1.76
CA GLY A 337 -19.93 -10.74 1.55
C GLY A 337 -20.01 -9.25 1.21
N GLN A 338 -21.22 -8.70 1.21
CA GLN A 338 -21.48 -7.32 0.81
C GLN A 338 -21.63 -6.43 2.03
N TRP A 339 -21.06 -5.23 1.94
CA TRP A 339 -21.15 -4.23 2.99
C TRP A 339 -21.46 -2.89 2.32
N THR A 340 -22.20 -2.05 3.04
CA THR A 340 -22.57 -0.74 2.50
C THR A 340 -22.27 0.33 3.55
N TYR A 341 -22.01 1.55 3.10
CA TYR A 341 -21.60 2.56 4.05
C TYR A 341 -22.07 3.96 3.60
N GLN A 342 -22.16 4.87 4.58
CA GLN A 342 -22.54 6.25 4.33
C GLN A 342 -21.54 7.10 5.08
N ILE A 343 -21.08 8.19 4.45
CA ILE A 343 -20.23 9.16 5.13
C ILE A 343 -20.99 10.47 5.19
N TYR A 344 -21.12 11.03 6.39
CA TYR A 344 -21.92 12.23 6.57
C TYR A 344 -21.27 13.11 7.63
N GLN A 345 -21.75 14.35 7.71
CA GLN A 345 -21.36 15.25 8.79
C GLN A 345 -22.56 15.63 9.64
N GLU A 346 -23.66 16.02 9.03
CA GLU A 346 -24.93 16.23 9.74
C GLU A 346 -25.80 15.01 9.55
N PRO A 347 -26.60 14.60 10.55
CA PRO A 347 -27.43 13.40 10.38
C PRO A 347 -28.29 13.56 9.13
N PHE A 348 -28.45 12.48 8.38
CA PHE A 348 -29.34 12.39 7.22
C PHE A 348 -28.90 13.24 6.03
N LYS A 349 -27.69 13.78 6.03
CA LYS A 349 -27.18 14.47 4.83
C LYS A 349 -25.83 13.85 4.44
N ASN A 350 -25.90 12.83 3.59
CA ASN A 350 -24.67 12.15 3.19
C ASN A 350 -23.83 13.03 2.27
N LEU A 351 -22.51 13.00 2.51
CA LEU A 351 -21.52 13.46 1.56
C LEU A 351 -21.39 12.46 0.43
N LYS A 352 -21.32 11.17 0.76
CA LYS A 352 -21.33 10.11 -0.24
C LYS A 352 -21.63 8.79 0.44
N THR A 353 -21.79 7.76 -0.39
CA THR A 353 -22.03 6.41 0.05
C THR A 353 -21.06 5.51 -0.68
N GLY A 354 -21.14 4.21 -0.36
CA GLY A 354 -20.41 3.25 -1.17
C GLY A 354 -20.60 1.86 -0.62
N LYS A 355 -19.79 0.95 -1.15
CA LYS A 355 -20.00 -0.47 -0.84
C LYS A 355 -18.63 -1.16 -0.84
N TYR A 356 -18.60 -2.31 -0.21
CA TYR A 356 -17.39 -3.13 -0.16
C TYR A 356 -17.80 -4.59 -0.37
N ALA A 357 -17.00 -5.34 -1.13
CA ALA A 357 -17.30 -6.75 -1.34
C ALA A 357 -16.19 -7.64 -0.80
N ARG A 358 -16.58 -8.74 -0.13
CA ARG A 358 -15.66 -9.77 0.33
C ARG A 358 -14.64 -10.15 -0.75
N MET A 359 -13.37 -10.21 -0.36
CA MET A 359 -12.34 -10.67 -1.30
C MET A 359 -12.52 -12.16 -1.62
N ARG A 360 -12.07 -12.54 -2.80
CA ARG A 360 -12.00 -13.96 -3.12
C ARG A 360 -11.10 -14.67 -2.10
N GLY A 361 -11.57 -15.81 -1.61
CA GLY A 361 -10.79 -16.56 -0.62
C GLY A 361 -11.52 -17.85 -0.24
N ALA A 362 -10.74 -18.77 0.35
CA ALA A 362 -11.30 -20.06 0.75
C ALA A 362 -12.17 -19.93 2.00
N HIS A 363 -11.73 -19.14 2.97
CA HIS A 363 -12.45 -19.00 4.24
C HIS A 363 -12.38 -17.54 4.65
N THR A 364 -13.33 -17.13 5.49
CA THR A 364 -13.48 -15.72 5.83
C THR A 364 -14.29 -15.65 7.13
N ASN A 365 -14.41 -14.46 7.70
CA ASN A 365 -15.43 -14.24 8.72
C ASN A 365 -15.84 -12.77 8.71
N ASP A 366 -16.96 -12.48 9.38
CA ASP A 366 -17.53 -11.13 9.29
C ASP A 366 -16.60 -10.08 9.88
N VAL A 367 -15.92 -10.41 10.99
CA VAL A 367 -15.06 -9.41 11.64
C VAL A 367 -13.94 -9.02 10.70
N LYS A 368 -13.33 -10.00 10.02
CA LYS A 368 -12.28 -9.68 9.06
C LYS A 368 -12.81 -8.78 7.95
N GLN A 369 -13.99 -9.11 7.44
CA GLN A 369 -14.55 -8.32 6.35
C GLN A 369 -14.86 -6.91 6.83
N LEU A 370 -15.47 -6.79 8.02
CA LEU A 370 -15.70 -5.44 8.57
C LEU A 370 -14.40 -4.67 8.67
N THR A 371 -13.34 -5.34 9.11
CA THR A 371 -12.03 -4.68 9.24
C THR A 371 -11.54 -4.21 7.89
N GLU A 372 -11.65 -5.06 6.85
CA GLU A 372 -11.20 -4.64 5.52
C GLU A 372 -11.99 -3.44 5.02
N ALA A 373 -13.32 -3.46 5.21
CA ALA A 373 -14.18 -2.35 4.80
C ALA A 373 -13.75 -1.06 5.49
N VAL A 374 -13.45 -1.13 6.78
CA VAL A 374 -12.96 0.04 7.52
C VAL A 374 -11.67 0.57 6.89
N GLN A 375 -10.72 -0.31 6.55
CA GLN A 375 -9.45 0.17 5.96
C GLN A 375 -9.71 0.83 4.61
N LYS A 376 -10.60 0.25 3.81
CA LYS A 376 -10.91 0.82 2.50
C LYS A 376 -11.54 2.20 2.64
N ILE A 377 -12.48 2.36 3.56
CA ILE A 377 -13.12 3.65 3.74
C ILE A 377 -12.12 4.64 4.29
N THR A 378 -11.24 4.18 5.19
CA THR A 378 -10.21 5.07 5.75
C THR A 378 -9.34 5.63 4.64
N THR A 379 -8.90 4.75 3.74
CA THR A 379 -7.98 5.20 2.71
C THR A 379 -8.69 6.11 1.73
N GLU A 380 -9.91 5.73 1.32
CA GLU A 380 -10.70 6.63 0.47
C GLU A 380 -10.90 7.98 1.14
N SER A 381 -11.14 7.98 2.45
CA SER A 381 -11.39 9.25 3.12
C SER A 381 -10.11 10.12 3.21
N ILE A 382 -8.95 9.50 3.37
CA ILE A 382 -7.70 10.28 3.31
C ILE A 382 -7.60 10.94 1.94
N VAL A 383 -7.90 10.20 0.86
CA VAL A 383 -7.85 10.80 -0.49
C VAL A 383 -8.77 12.00 -0.58
N ILE A 384 -10.03 11.83 -0.17
CA ILE A 384 -11.03 12.85 -0.47
C ILE A 384 -10.97 14.02 0.49
N TRP A 385 -10.79 13.76 1.79
CA TRP A 385 -10.88 14.79 2.82
C TRP A 385 -9.59 14.98 3.61
N GLY A 386 -8.59 14.11 3.43
CA GLY A 386 -7.36 14.27 4.18
C GLY A 386 -7.47 13.88 5.64
N LYS A 387 -8.49 13.11 6.02
CA LYS A 387 -8.61 12.70 7.41
C LYS A 387 -9.49 11.46 7.51
N THR A 388 -9.31 10.72 8.60
CA THR A 388 -10.09 9.51 8.90
C THR A 388 -11.42 9.89 9.52
N PRO A 389 -12.54 9.35 9.04
CA PRO A 389 -13.82 9.60 9.69
C PRO A 389 -13.91 8.84 11.01
N LYS A 390 -14.78 9.33 11.90
CA LYS A 390 -15.14 8.56 13.08
C LYS A 390 -16.11 7.50 12.64
N PHE A 391 -15.94 6.27 13.10
CA PHE A 391 -16.75 5.18 12.57
C PHE A 391 -17.90 4.82 13.51
N LYS A 392 -19.02 4.41 12.91
CA LYS A 392 -20.14 3.81 13.62
C LYS A 392 -20.32 2.40 13.06
N LEU A 393 -20.09 1.40 13.92
CA LEU A 393 -20.00 0.02 13.41
C LEU A 393 -20.98 -0.89 14.12
N PRO A 394 -21.52 -1.88 13.44
CA PRO A 394 -22.49 -2.80 14.06
C PRO A 394 -21.79 -3.98 14.72
N ILE A 395 -20.92 -3.69 15.70
CA ILE A 395 -20.19 -4.71 16.44
C ILE A 395 -19.99 -4.18 17.87
N GLN A 396 -20.33 -4.99 18.88
CA GLN A 396 -20.19 -4.51 20.25
C GLN A 396 -18.72 -4.26 20.57
N LYS A 397 -18.49 -3.30 21.44
CA LYS A 397 -17.12 -3.03 21.89
C LYS A 397 -16.48 -4.26 22.50
N GLU A 398 -17.26 -5.03 23.26
CA GLU A 398 -16.68 -6.21 23.90
C GLU A 398 -16.34 -7.31 22.88
N THR A 399 -17.12 -7.43 21.82
CA THR A 399 -16.80 -8.38 20.75
C THR A 399 -15.48 -8.04 20.09
N TRP A 400 -15.29 -6.76 19.75
CA TRP A 400 -14.03 -6.36 19.14
C TRP A 400 -12.85 -6.61 20.07
N GLU A 401 -12.99 -6.24 21.33
CA GLU A 401 -11.92 -6.47 22.27
C GLU A 401 -11.53 -7.94 22.33
N THR A 402 -12.50 -8.84 22.44
CA THR A 402 -12.21 -10.26 22.44
C THR A 402 -11.51 -10.66 21.14
N TRP A 403 -11.98 -10.13 20.01
CA TRP A 403 -11.41 -10.54 18.72
C TRP A 403 -9.95 -10.16 18.64
N TRP A 404 -9.64 -8.88 18.85
CA TRP A 404 -8.30 -8.45 18.47
C TRP A 404 -7.28 -8.91 19.50
N THR A 405 -7.68 -9.05 20.77
CA THR A 405 -6.68 -9.49 21.75
C THR A 405 -6.30 -10.94 21.53
N GLU A 406 -7.20 -11.77 20.95
CA GLU A 406 -6.95 -13.20 20.79
C GLU A 406 -6.54 -13.60 19.37
N TYR A 407 -6.70 -12.71 18.41
CA TYR A 407 -6.41 -13.04 17.01
C TYR A 407 -4.90 -13.14 16.80
N TRP A 408 -4.48 -14.09 15.95
CA TRP A 408 -3.04 -14.33 15.83
C TRP A 408 -2.34 -13.23 15.07
N GLN A 409 -3.05 -12.45 14.23
CA GLN A 409 -2.42 -11.29 13.59
C GLN A 409 -2.60 -10.00 14.40
N ALA A 410 -1.70 -9.05 14.16
CA ALA A 410 -1.95 -7.67 14.55
C ALA A 410 -3.13 -7.13 13.79
N THR A 411 -4.00 -6.38 14.48
CA THR A 411 -5.13 -5.80 13.75
C THR A 411 -5.58 -4.55 14.50
N TRP A 412 -6.19 -3.60 13.79
CA TRP A 412 -6.54 -2.31 14.38
C TRP A 412 -7.68 -1.70 13.58
N ILE A 413 -8.61 -1.06 14.27
CA ILE A 413 -9.55 -0.19 13.57
C ILE A 413 -9.55 1.12 14.35
N PRO A 414 -9.60 2.25 13.64
CA PRO A 414 -9.47 3.57 14.29
C PRO A 414 -10.74 3.92 15.05
N GLU A 415 -10.71 5.06 15.73
CA GLU A 415 -11.79 5.49 16.63
C GLU A 415 -13.18 5.20 16.06
N TRP A 416 -13.99 4.48 16.86
CA TRP A 416 -15.29 4.03 16.40
C TRP A 416 -16.20 3.86 17.62
N GLU A 417 -17.52 3.81 17.34
CA GLU A 417 -18.54 3.51 18.35
C GLU A 417 -19.54 2.51 17.81
N PHE A 418 -20.09 1.74 18.73
CA PHE A 418 -21.08 0.73 18.40
C PHE A 418 -22.38 1.42 17.97
N VAL A 419 -22.98 0.90 16.90
CA VAL A 419 -24.33 1.33 16.49
C VAL A 419 -25.20 0.10 16.48
N ASN A 420 -26.25 0.11 17.29
CA ASN A 420 -27.04 -1.10 17.53
C ASN A 420 -28.07 -1.26 16.41
N THR A 421 -27.58 -1.60 15.23
CA THR A 421 -28.41 -1.78 14.04
C THR A 421 -28.17 -3.16 13.43
N PRO A 422 -29.11 -4.09 13.62
CA PRO A 422 -28.92 -5.45 13.10
C PRO A 422 -28.78 -5.46 11.61
N PRO A 423 -28.05 -6.45 11.03
CA PRO A 423 -27.47 -7.56 11.79
C PRO A 423 -26.12 -7.19 12.40
N LEU A 424 -25.91 -7.59 13.63
CA LEU A 424 -24.64 -7.28 14.29
C LEU A 424 -23.60 -8.33 13.94
N VAL A 425 -22.37 -7.88 13.86
CA VAL A 425 -21.22 -8.72 13.68
C VAL A 425 -20.89 -9.31 15.05
N LYS A 426 -20.76 -10.64 15.10
CA LYS A 426 -20.42 -11.26 16.38
C LYS A 426 -19.46 -12.39 16.13
N LEU A 427 -18.87 -12.86 17.22
CA LEU A 427 -18.03 -14.06 17.22
C LEU A 427 -18.93 -15.28 17.41
N TRP A 428 -18.95 -16.16 16.43
CA TRP A 428 -19.84 -17.32 16.46
C TRP A 428 -19.31 -18.45 17.36
N TYR A 429 -18.00 -18.58 17.53
CA TYR A 429 -17.38 -19.56 18.43
C TYR A 429 -16.04 -18.98 18.89
N GLN A 430 -15.58 -19.44 20.04
CA GLN A 430 -14.23 -19.18 20.51
C GLN A 430 -13.69 -20.48 21.07
N LEU A 431 -12.47 -20.86 20.68
CA LEU A 431 -11.88 -22.08 21.25
C LEU A 431 -11.29 -21.81 22.62
N GLU A 432 -11.20 -22.88 23.41
CA GLU A 432 -10.65 -22.80 24.76
C GLU A 432 -9.15 -22.62 24.67
N LYS A 433 -8.60 -21.91 25.67
CA LYS A 433 -7.16 -21.79 25.79
C LYS A 433 -6.51 -22.96 26.51
N GLU A 434 -7.28 -23.74 27.28
CA GLU A 434 -6.79 -24.85 28.09
C GLU A 434 -7.69 -26.06 27.91
N PRO A 435 -7.15 -27.27 28.12
CA PRO A 435 -7.98 -28.49 28.06
C PRO A 435 -9.07 -28.43 29.12
N ILE A 436 -10.20 -29.02 28.79
CA ILE A 436 -11.41 -28.97 29.61
C ILE A 436 -11.44 -30.17 30.55
N VAL A 437 -11.39 -29.91 31.87
CA VAL A 437 -11.56 -30.99 32.85
C VAL A 437 -12.97 -31.55 32.73
N GLY A 438 -13.08 -32.89 32.77
CA GLY A 438 -14.38 -33.52 32.76
C GLY A 438 -15.00 -33.71 31.37
N ALA A 439 -14.48 -33.03 30.33
CA ALA A 439 -14.88 -33.24 28.93
C ALA A 439 -14.17 -34.43 28.29
N GLU A 440 -14.93 -35.24 27.57
CA GLU A 440 -14.38 -36.38 26.84
C GLU A 440 -13.32 -35.93 25.84
N THR A 441 -12.30 -36.75 25.66
CA THR A 441 -11.17 -36.41 24.78
C THR A 441 -11.29 -37.32 23.56
N PHE A 442 -11.45 -36.71 22.37
CA PHE A 442 -11.49 -37.42 21.08
C PHE A 442 -10.14 -37.26 20.35
N TYR A 443 -9.51 -38.38 20.03
CA TYR A 443 -8.31 -38.45 19.19
C TYR A 443 -8.78 -38.78 17.78
N VAL A 444 -8.62 -37.85 16.84
CA VAL A 444 -9.22 -38.00 15.51
C VAL A 444 -8.11 -38.23 14.51
N ASP A 445 -8.43 -38.93 13.43
CA ASP A 445 -7.52 -39.00 12.29
C ASP A 445 -8.28 -39.39 11.04
N GLY A 446 -7.69 -39.09 9.89
CA GLY A 446 -8.20 -39.60 8.63
C GLY A 446 -7.02 -39.86 7.72
N ALA A 447 -7.23 -40.71 6.73
CA ALA A 447 -6.23 -40.91 5.70
C ALA A 447 -6.93 -41.34 4.42
N ALA A 448 -6.25 -41.11 3.28
CA ALA A 448 -6.79 -41.48 1.98
C ALA A 448 -5.68 -42.08 1.13
N ASN A 449 -6.09 -42.90 0.15
CA ASN A 449 -5.13 -43.45 -0.83
C ASN A 449 -5.22 -42.54 -2.06
N ARG A 450 -4.11 -42.01 -2.56
CA ARG A 450 -4.14 -41.01 -3.67
C ARG A 450 -4.56 -41.64 -5.00
N GLU A 451 -4.46 -42.95 -5.12
CA GLU A 451 -4.79 -43.64 -6.39
C GLU A 451 -6.28 -43.96 -6.42
N THR A 452 -6.81 -44.58 -5.37
CA THR A 452 -8.21 -45.03 -5.35
C THR A 452 -9.14 -43.94 -4.88
N LYS A 453 -8.60 -42.91 -4.21
CA LYS A 453 -9.43 -41.82 -3.61
C LYS A 453 -10.28 -42.42 -2.48
N LEU A 454 -9.98 -43.64 -2.04
CA LEU A 454 -10.71 -44.22 -0.90
C LEU A 454 -10.03 -43.81 0.41
N GLY A 455 -10.82 -43.55 1.44
CA GLY A 455 -10.19 -43.19 2.68
C GLY A 455 -11.02 -43.59 3.87
N LYS A 456 -10.59 -43.13 5.05
CA LYS A 456 -11.29 -43.41 6.29
C LYS A 456 -11.14 -42.20 7.18
N ALA A 457 -12.14 -41.93 8.02
CA ALA A 457 -12.02 -40.87 9.02
C ALA A 457 -12.61 -41.41 10.30
N GLY A 458 -12.11 -40.96 11.45
CA GLY A 458 -12.63 -41.52 12.69
C GLY A 458 -11.98 -40.95 13.93
N TYR A 459 -12.37 -41.54 15.05
CA TYR A 459 -11.85 -41.08 16.34
C TYR A 459 -11.87 -42.26 17.30
N VAL A 460 -11.11 -42.10 18.39
CA VAL A 460 -11.21 -42.95 19.58
C VAL A 460 -11.17 -42.01 20.78
N THR A 461 -11.86 -42.38 21.88
CA THR A 461 -11.90 -41.45 23.01
C THR A 461 -11.44 -42.16 24.29
N ASN A 462 -11.19 -41.35 25.33
CA ASN A 462 -10.79 -41.92 26.62
C ASN A 462 -11.91 -42.73 27.28
N LYS A 463 -13.15 -42.55 26.83
CA LYS A 463 -14.23 -43.40 27.37
C LYS A 463 -14.43 -44.67 26.57
N GLY A 464 -13.59 -44.93 25.59
CA GLY A 464 -13.75 -46.08 24.71
C GLY A 464 -14.75 -45.88 23.60
N ARG A 465 -15.29 -44.66 23.43
CA ARG A 465 -16.15 -44.38 22.28
C ARG A 465 -15.27 -44.37 21.03
N GLN A 466 -15.75 -45.00 19.95
CA GLN A 466 -14.94 -45.10 18.74
C GLN A 466 -15.83 -45.03 17.50
N LYS A 467 -15.26 -44.54 16.40
CA LYS A 467 -16.01 -44.57 15.14
C LYS A 467 -14.99 -44.50 14.02
N VAL A 468 -15.18 -45.31 12.99
CA VAL A 468 -14.45 -45.14 11.73
C VAL A 468 -15.47 -45.22 10.61
N VAL A 469 -15.35 -44.33 9.64
CA VAL A 469 -16.26 -44.25 8.51
C VAL A 469 -15.47 -44.42 7.22
N PRO A 470 -15.89 -45.30 6.33
CA PRO A 470 -15.24 -45.42 5.02
C PRO A 470 -15.78 -44.36 4.09
N LEU A 471 -14.86 -43.80 3.28
CA LEU A 471 -15.11 -42.64 2.45
C LEU A 471 -14.62 -42.91 1.03
N THR A 472 -15.30 -42.35 0.06
CA THR A 472 -14.87 -42.51 -1.33
C THR A 472 -14.63 -41.13 -1.94
N ASN A 473 -13.86 -41.11 -3.03
CA ASN A 473 -13.62 -39.87 -3.77
C ASN A 473 -13.11 -38.79 -2.80
N THR A 474 -12.06 -39.12 -2.04
CA THR A 474 -11.63 -38.19 -0.99
C THR A 474 -10.10 -38.03 -1.03
N THR A 475 -9.58 -37.18 -0.13
CA THR A 475 -8.16 -36.84 -0.06
C THR A 475 -7.73 -36.85 1.39
N ASN A 476 -6.42 -36.83 1.63
CA ASN A 476 -5.93 -36.77 3.00
C ASN A 476 -6.53 -35.57 3.71
N GLN A 477 -6.47 -34.39 3.06
CA GLN A 477 -6.98 -33.18 3.69
C GLN A 477 -8.45 -33.32 4.04
N LYS A 478 -9.27 -33.83 3.11
CA LYS A 478 -10.69 -33.95 3.40
C LYS A 478 -10.93 -34.94 4.56
N THR A 479 -10.20 -36.05 4.57
CA THR A 479 -10.46 -37.01 5.64
C THR A 479 -10.06 -36.42 7.00
N GLU A 480 -9.04 -35.57 7.05
CA GLU A 480 -8.64 -34.98 8.34
C GLU A 480 -9.75 -34.06 8.85
N LEU A 481 -10.38 -33.30 7.95
CA LEU A 481 -11.50 -32.47 8.36
C LEU A 481 -12.70 -33.32 8.75
N GLN A 482 -12.96 -34.37 7.99
CA GLN A 482 -14.09 -35.25 8.30
C GLN A 482 -13.96 -35.83 9.70
N ALA A 483 -12.75 -36.18 10.11
CA ALA A 483 -12.56 -36.76 11.43
C ALA A 483 -12.92 -35.77 12.52
N ILE A 484 -12.51 -34.49 12.38
CA ILE A 484 -12.87 -33.48 13.36
C ILE A 484 -14.39 -33.30 13.39
N TYR A 485 -15.01 -33.23 12.20
CA TYR A 485 -16.46 -33.14 12.12
C TYR A 485 -17.13 -34.28 12.89
N LEU A 486 -16.68 -35.53 12.68
CA LEU A 486 -17.31 -36.66 13.38
C LEU A 486 -17.19 -36.49 14.90
N ALA A 487 -16.03 -36.07 15.37
CA ALA A 487 -15.85 -35.89 16.80
C ALA A 487 -16.80 -34.81 17.34
N LEU A 488 -16.98 -33.72 16.59
CA LEU A 488 -17.92 -32.68 17.00
C LEU A 488 -19.34 -33.22 17.00
N GLN A 489 -19.71 -33.97 15.96
CA GLN A 489 -21.06 -34.54 15.89
C GLN A 489 -21.37 -35.44 17.08
N ASP A 490 -20.41 -36.25 17.52
CA ASP A 490 -20.69 -37.33 18.45
C ASP A 490 -20.40 -36.98 19.89
N SER A 491 -19.89 -35.80 20.15
CA SER A 491 -19.53 -35.42 21.51
C SER A 491 -20.66 -34.61 22.17
N GLY A 492 -20.57 -34.47 23.48
CA GLY A 492 -21.45 -33.57 24.20
C GLY A 492 -21.06 -32.10 24.05
N LEU A 493 -21.61 -31.26 24.94
CA LEU A 493 -21.46 -29.82 24.74
C LEU A 493 -20.05 -29.30 25.01
N GLU A 494 -19.24 -30.05 25.74
CA GLU A 494 -17.84 -29.73 25.99
C GLU A 494 -16.98 -30.88 25.47
N VAL A 495 -15.90 -30.57 24.77
CA VAL A 495 -15.13 -31.63 24.14
C VAL A 495 -13.69 -31.16 23.94
N ASN A 496 -12.76 -32.08 24.21
CA ASN A 496 -11.35 -31.92 23.85
C ASN A 496 -11.12 -32.74 22.58
N ILE A 497 -10.44 -32.16 21.61
CA ILE A 497 -10.18 -32.85 20.35
C ILE A 497 -8.68 -32.79 20.07
N VAL A 498 -8.09 -33.95 19.76
CA VAL A 498 -6.66 -34.06 19.49
C VAL A 498 -6.48 -34.48 18.04
N THR A 499 -5.79 -33.64 17.26
CA THR A 499 -5.59 -33.91 15.81
C THR A 499 -4.11 -33.78 15.49
N ASP A 500 -3.64 -34.47 14.46
CA ASP A 500 -2.29 -34.19 13.97
C ASP A 500 -2.31 -33.41 12.67
N SER A 501 -3.48 -32.90 12.27
CA SER A 501 -3.64 -32.25 10.98
C SER A 501 -3.18 -30.78 11.06
N GLN A 502 -1.97 -30.50 10.54
CA GLN A 502 -1.57 -29.08 10.46
C GLN A 502 -2.48 -28.32 9.50
N TYR A 503 -2.98 -29.00 8.48
CA TYR A 503 -3.92 -28.34 7.56
C TYR A 503 -5.18 -27.89 8.30
N ALA A 504 -5.81 -28.79 9.07
CA ALA A 504 -7.03 -28.42 9.77
C ALA A 504 -6.78 -27.35 10.83
N LEU A 505 -5.65 -27.43 11.54
CA LEU A 505 -5.33 -26.38 12.51
C LEU A 505 -5.17 -25.02 11.85
N GLY A 506 -4.52 -24.98 10.70
CA GLY A 506 -4.33 -23.74 10.01
C GLY A 506 -5.63 -23.09 9.63
N ILE A 507 -6.62 -23.90 9.25
CA ILE A 507 -7.94 -23.38 8.92
C ILE A 507 -8.65 -22.92 10.17
N ILE A 508 -8.72 -23.78 11.19
CA ILE A 508 -9.49 -23.41 12.38
C ILE A 508 -8.83 -22.25 13.14
N GLN A 509 -7.48 -22.19 13.16
CA GLN A 509 -6.87 -21.06 13.83
C GLN A 509 -7.13 -19.75 13.10
N ALA A 510 -7.53 -19.79 11.82
CA ALA A 510 -7.93 -18.56 11.12
C ALA A 510 -9.34 -18.09 11.53
N GLN A 511 -10.04 -18.86 12.35
CA GLN A 511 -11.37 -18.49 12.83
C GLN A 511 -12.39 -18.14 11.76
N PRO A 512 -12.60 -18.98 10.75
CA PRO A 512 -13.64 -18.66 9.76
C PRO A 512 -15.03 -18.84 10.34
N ASP A 513 -15.97 -18.07 9.80
CA ASP A 513 -17.38 -18.37 10.02
C ASP A 513 -18.09 -18.76 8.75
N LYS A 514 -17.40 -18.83 7.61
CA LYS A 514 -17.97 -19.27 6.36
C LYS A 514 -16.82 -19.73 5.46
N SER A 515 -17.10 -20.71 4.60
CA SER A 515 -16.06 -21.30 3.80
C SER A 515 -16.62 -21.68 2.42
N GLU A 516 -15.73 -21.72 1.42
CA GLU A 516 -16.06 -22.37 0.16
C GLU A 516 -16.15 -23.89 0.30
N SER A 517 -15.66 -24.45 1.40
CA SER A 517 -15.71 -25.90 1.63
C SER A 517 -16.94 -26.25 2.47
N GLU A 518 -17.85 -27.10 1.94
CA GLU A 518 -19.03 -27.38 2.76
C GLU A 518 -18.67 -28.21 4.00
N LEU A 519 -17.56 -28.94 3.94
CA LEU A 519 -17.05 -29.65 5.12
C LEU A 519 -16.60 -28.66 6.20
N VAL A 520 -15.86 -27.61 5.82
CA VAL A 520 -15.52 -26.60 6.84
C VAL A 520 -16.81 -25.95 7.36
N ASN A 521 -17.78 -25.72 6.49
CA ASN A 521 -19.03 -25.07 6.95
C ASN A 521 -19.73 -25.97 7.97
N GLN A 522 -19.66 -27.28 7.77
CA GLN A 522 -20.31 -28.24 8.68
C GLN A 522 -19.60 -28.18 10.04
N ILE A 523 -18.28 -28.12 10.01
CA ILE A 523 -17.50 -28.01 11.27
C ILE A 523 -17.91 -26.73 12.00
N ILE A 524 -17.99 -25.61 11.29
CA ILE A 524 -18.36 -24.30 11.92
C ILE A 524 -19.73 -24.43 12.58
N GLU A 525 -20.67 -25.06 11.91
CA GLU A 525 -22.04 -25.21 12.48
C GLU A 525 -21.99 -26.03 13.77
N GLN A 526 -21.15 -27.06 13.82
CA GLN A 526 -21.03 -27.89 15.04
C GLN A 526 -20.37 -27.08 16.16
N LEU A 527 -19.32 -26.33 15.83
CA LEU A 527 -18.62 -25.47 16.82
C LEU A 527 -19.61 -24.47 17.44
N ILE A 528 -20.50 -23.90 16.62
CA ILE A 528 -21.47 -22.89 17.13
C ILE A 528 -22.37 -23.53 18.19
N LYS A 529 -22.64 -24.82 18.07
CA LYS A 529 -23.55 -25.51 19.01
C LYS A 529 -22.85 -25.92 20.31
N LYS A 530 -21.53 -25.90 20.37
CA LYS A 530 -20.88 -26.38 21.58
C LYS A 530 -20.84 -25.24 22.61
N GLU A 531 -20.67 -25.64 23.87
CA GLU A 531 -20.32 -24.70 24.94
C GLU A 531 -18.82 -24.50 25.05
N LYS A 532 -18.04 -25.57 24.98
CA LYS A 532 -16.59 -25.44 25.10
C LYS A 532 -15.91 -26.40 24.14
N VAL A 533 -14.91 -25.92 23.40
CA VAL A 533 -14.10 -26.77 22.54
C VAL A 533 -12.64 -26.43 22.75
N TYR A 534 -11.84 -27.44 23.05
CA TYR A 534 -10.39 -27.29 23.05
C TYR A 534 -9.80 -28.16 21.95
N LEU A 535 -9.02 -27.55 21.07
CA LEU A 535 -8.42 -28.24 19.93
C LEU A 535 -6.91 -28.32 20.16
N ALA A 536 -6.39 -29.53 20.27
CA ALA A 536 -4.98 -29.78 20.59
C ALA A 536 -4.32 -30.40 19.36
N TRP A 537 -3.12 -29.96 19.05
CA TRP A 537 -2.36 -30.53 17.93
C TRP A 537 -1.21 -31.39 18.46
N VAL A 538 -0.93 -32.51 17.80
CA VAL A 538 0.27 -33.32 18.06
C VAL A 538 0.91 -33.67 16.73
N PRO A 539 2.19 -33.95 16.73
CA PRO A 539 2.84 -34.41 15.49
C PRO A 539 2.44 -35.83 15.16
N ALA A 540 2.29 -36.08 13.86
CA ALA A 540 1.95 -37.41 13.39
C ALA A 540 3.11 -38.40 13.57
N HIS A 541 2.76 -39.68 13.71
CA HIS A 541 3.71 -40.81 13.58
C HIS A 541 4.80 -40.80 14.65
N LYS A 542 4.45 -40.38 15.86
CA LYS A 542 5.42 -40.24 16.93
C LYS A 542 5.04 -41.06 18.15
N GLY A 543 4.15 -42.03 17.99
CA GLY A 543 3.84 -42.98 19.04
C GLY A 543 3.03 -42.37 20.15
N ILE A 544 2.37 -41.25 19.87
CA ILE A 544 1.49 -40.59 20.83
C ILE A 544 0.21 -41.38 20.98
N GLY A 545 -0.06 -41.83 22.21
CA GLY A 545 -1.23 -42.66 22.42
C GLY A 545 -2.51 -41.95 21.99
N GLY A 546 -3.49 -42.75 21.59
CA GLY A 546 -4.72 -42.21 21.09
C GLY A 546 -4.54 -41.88 19.62
N ASN A 547 -3.73 -40.86 19.34
CA ASN A 547 -3.37 -40.54 17.95
C ASN A 547 -2.84 -41.77 17.19
N GLU A 548 -1.91 -42.52 17.80
CA GLU A 548 -1.36 -43.69 17.13
C GLU A 548 -2.48 -44.72 16.83
N GLN A 549 -3.35 -45.00 17.81
CA GLN A 549 -4.43 -45.98 17.62
C GLN A 549 -5.35 -45.59 16.46
N VAL A 550 -5.83 -44.35 16.45
CA VAL A 550 -6.77 -43.97 15.41
C VAL A 550 -6.08 -43.89 14.02
N ASP A 551 -4.83 -43.42 13.96
CA ASP A 551 -4.11 -43.42 12.68
C ASP A 551 -4.05 -44.84 12.09
N LYS A 552 -3.81 -45.84 12.94
CA LYS A 552 -3.80 -47.21 12.45
C LYS A 552 -5.18 -47.63 11.93
N LEU A 553 -6.25 -47.22 12.63
CA LEU A 553 -7.60 -47.57 12.20
C LEU A 553 -7.95 -46.97 10.85
N VAL A 554 -7.55 -45.71 10.60
CA VAL A 554 -8.01 -45.04 9.38
C VAL A 554 -7.08 -45.25 8.18
N SER A 555 -5.81 -45.57 8.40
CA SER A 555 -4.92 -45.81 7.28
C SER A 555 -4.98 -47.27 6.80
N ALA A 556 -5.84 -48.10 7.39
CA ALA A 556 -5.97 -49.50 7.02
C ALA A 556 -6.66 -49.63 5.66
N ILE B 5 31.65 19.82 -3.67
CA ILE B 5 31.15 20.97 -4.42
C ILE B 5 31.18 20.69 -5.93
N GLU B 6 32.07 19.77 -6.35
CA GLU B 6 31.98 19.18 -7.68
C GLU B 6 31.26 17.84 -7.59
N THR B 7 30.39 17.56 -8.56
CA THR B 7 29.49 16.42 -8.48
C THR B 7 30.20 15.11 -8.83
N VAL B 8 29.90 14.08 -8.06
CA VAL B 8 30.32 12.72 -8.39
C VAL B 8 29.37 12.15 -9.45
N PRO B 9 29.87 11.63 -10.57
CA PRO B 9 28.96 11.03 -11.57
C PRO B 9 28.20 9.85 -10.96
N VAL B 10 26.89 9.82 -11.21
CA VAL B 10 26.02 8.75 -10.72
C VAL B 10 25.16 8.22 -11.86
N LYS B 11 25.02 6.90 -11.92
CA LYS B 11 24.21 6.23 -12.92
C LYS B 11 23.21 5.29 -12.24
N LEU B 12 22.15 4.94 -12.97
CA LEU B 12 21.36 3.79 -12.60
C LEU B 12 22.08 2.52 -13.05
N LYS B 13 21.55 1.36 -12.64
CA LYS B 13 22.10 0.10 -13.13
C LYS B 13 21.68 -0.14 -14.57
N PRO B 14 22.46 -0.93 -15.31
CA PRO B 14 22.19 -1.10 -16.75
C PRO B 14 20.78 -1.60 -17.04
N GLY B 15 20.17 -1.08 -18.11
CA GLY B 15 18.86 -1.52 -18.54
C GLY B 15 17.82 -1.33 -17.45
N MET B 16 17.72 -0.10 -16.95
CA MET B 16 16.95 0.19 -15.75
C MET B 16 16.50 1.65 -15.83
N ASP B 17 15.19 1.88 -15.78
CA ASP B 17 14.66 3.24 -15.82
C ASP B 17 14.44 3.76 -14.38
N GLY B 18 14.15 5.06 -14.29
CA GLY B 18 13.96 5.69 -13.01
C GLY B 18 12.69 5.19 -12.34
N PRO B 19 12.54 5.49 -11.04
CA PRO B 19 11.33 5.05 -10.33
C PRO B 19 10.10 5.77 -10.83
N LYS B 20 9.03 5.05 -10.89
CA LYS B 20 7.72 5.60 -11.19
C LYS B 20 6.75 5.07 -10.15
N VAL B 21 6.89 5.54 -8.90
CA VAL B 21 6.15 4.95 -7.79
C VAL B 21 5.02 5.89 -7.42
N LYS B 22 3.84 5.33 -7.23
CA LYS B 22 2.67 6.16 -6.92
C LYS B 22 2.76 6.82 -5.54
N GLN B 23 2.40 8.08 -5.46
CA GLN B 23 2.30 8.75 -4.15
C GLN B 23 1.05 8.26 -3.40
N TRP B 24 1.22 7.75 -2.19
CA TRP B 24 0.06 7.25 -1.49
C TRP B 24 -0.66 8.38 -0.77
N PRO B 25 -1.88 8.13 -0.30
CA PRO B 25 -2.69 9.24 0.24
C PRO B 25 -2.09 9.83 1.52
N LEU B 26 -2.06 11.17 1.62
CA LEU B 26 -1.53 11.83 2.81
C LEU B 26 -2.60 12.60 3.55
N THR B 27 -2.53 12.59 4.89
CA THR B 27 -3.43 13.42 5.66
C THR B 27 -3.16 14.92 5.45
N GLU B 28 -4.19 15.72 5.76
CA GLU B 28 -4.07 17.17 5.71
C GLU B 28 -2.88 17.66 6.52
N GLU B 29 -2.69 17.16 7.74
CA GLU B 29 -1.59 17.66 8.58
C GLU B 29 -0.24 17.36 7.92
N LYS B 30 -0.11 16.22 7.25
CA LYS B 30 1.18 15.88 6.65
C LYS B 30 1.39 16.70 5.38
N ILE B 31 0.34 16.92 4.60
CA ILE B 31 0.48 17.78 3.43
C ILE B 31 0.88 19.19 3.85
N LYS B 32 0.19 19.75 4.83
CA LYS B 32 0.54 21.12 5.29
C LYS B 32 2.00 21.18 5.74
N ALA B 33 2.44 20.17 6.48
CA ALA B 33 3.83 20.17 6.94
C ALA B 33 4.81 20.09 5.77
N LEU B 34 4.54 19.22 4.79
CA LEU B 34 5.47 19.08 3.67
C LEU B 34 5.49 20.35 2.82
N VAL B 35 4.34 20.98 2.63
CA VAL B 35 4.33 22.25 1.88
C VAL B 35 5.27 23.26 2.55
N GLU B 36 5.20 23.36 3.87
CA GLU B 36 6.02 24.31 4.60
C GLU B 36 7.50 23.95 4.51
N ILE B 37 7.82 22.69 4.72
CA ILE B 37 9.20 22.22 4.63
C ILE B 37 9.74 22.46 3.22
N CYS B 38 8.97 22.05 2.21
CA CYS B 38 9.50 22.13 0.86
C CYS B 38 9.61 23.57 0.39
N THR B 39 8.70 24.44 0.82
CA THR B 39 8.88 25.86 0.50
C THR B 39 10.23 26.37 1.03
N GLU B 40 10.59 26.02 2.27
CA GLU B 40 11.93 26.38 2.80
C GLU B 40 13.05 25.76 2.00
N MET B 41 12.97 24.45 1.76
CA MET B 41 14.05 23.79 1.04
C MET B 41 14.26 24.44 -0.33
N GLU B 42 13.16 24.83 -0.99
CA GLU B 42 13.28 25.42 -2.31
C GLU B 42 14.01 26.75 -2.23
N LYS B 43 13.67 27.56 -1.24
CA LYS B 43 14.35 28.84 -1.03
C LYS B 43 15.82 28.65 -0.76
N GLU B 44 16.19 27.59 -0.03
CA GLU B 44 17.57 27.29 0.29
C GLU B 44 18.30 26.57 -0.86
N GLY B 45 17.67 26.40 -2.02
CA GLY B 45 18.33 25.79 -3.16
C GLY B 45 18.46 24.28 -3.13
N LYS B 46 17.89 23.60 -2.11
CA LYS B 46 18.03 22.15 -1.99
C LYS B 46 17.16 21.39 -2.98
N ILE B 47 16.02 21.96 -3.35
CA ILE B 47 15.13 21.33 -4.32
C ILE B 47 14.69 22.41 -5.29
N SER B 48 14.20 21.98 -6.46
CA SER B 48 13.65 22.90 -7.45
C SER B 48 12.38 22.32 -8.05
N LYS B 49 11.49 23.21 -8.48
CA LYS B 49 10.26 22.75 -9.16
C LYS B 49 10.63 22.13 -10.51
N ILE B 50 9.91 21.09 -10.92
CA ILE B 50 10.16 20.42 -12.20
C ILE B 50 8.92 20.45 -13.07
N GLY B 51 9.11 20.14 -14.35
CA GLY B 51 8.03 20.19 -15.32
C GLY B 51 7.54 18.81 -15.72
N PRO B 52 6.61 18.78 -16.69
CA PRO B 52 5.97 17.48 -17.05
C PRO B 52 6.87 16.60 -17.87
N GLU B 53 8.01 17.10 -18.36
CA GLU B 53 8.92 16.21 -19.08
C GLU B 53 9.63 15.26 -18.12
N ASN B 54 9.40 15.40 -16.81
CA ASN B 54 9.97 14.46 -15.85
C ASN B 54 8.84 13.55 -15.39
N PRO B 55 8.82 12.28 -15.79
CA PRO B 55 7.70 11.41 -15.45
C PRO B 55 7.98 10.57 -14.21
N TYR B 56 9.11 10.77 -13.54
CA TYR B 56 9.49 9.89 -12.43
C TYR B 56 8.78 10.28 -11.16
N ASN B 57 8.77 9.35 -10.20
CA ASN B 57 8.20 9.73 -8.93
C ASN B 57 8.66 8.76 -7.83
N THR B 58 8.84 9.34 -6.65
CA THR B 58 9.11 8.57 -5.43
C THR B 58 8.18 9.10 -4.35
N PRO B 59 7.60 8.23 -3.50
CA PRO B 59 6.63 8.72 -2.50
C PRO B 59 7.34 9.51 -1.42
N VAL B 60 6.60 10.46 -0.84
CA VAL B 60 7.09 11.22 0.29
C VAL B 60 6.00 11.22 1.37
N PHE B 61 6.44 11.29 2.63
CA PHE B 61 5.46 11.54 3.71
C PHE B 61 6.23 12.32 4.78
N ALA B 62 5.69 12.36 6.00
CA ALA B 62 6.38 13.10 7.05
C ALA B 62 6.21 12.33 8.35
N ILE B 63 7.19 12.46 9.25
CA ILE B 63 7.20 11.72 10.51
C ILE B 63 7.56 12.71 11.62
N LYS B 64 7.31 12.28 12.85
CA LYS B 64 7.83 12.97 14.03
C LYS B 64 8.81 12.03 14.72
N LYS B 65 10.11 12.36 14.64
CA LYS B 65 11.15 11.50 15.22
C LYS B 65 10.87 11.35 16.72
N LYS B 66 11.41 10.29 17.33
CA LYS B 66 11.05 9.95 18.70
C LYS B 66 11.41 11.10 19.64
N ASP B 67 10.39 11.62 20.34
CA ASP B 67 10.49 12.68 21.36
C ASP B 67 10.63 14.06 20.73
N SER B 68 9.84 14.37 19.70
CA SER B 68 9.91 15.68 19.06
C SER B 68 8.53 16.16 18.63
N THR B 69 8.48 17.48 18.43
CA THR B 69 7.27 18.22 18.07
C THR B 69 7.25 18.67 16.62
N LYS B 70 8.33 18.46 15.88
CA LYS B 70 8.54 19.04 14.56
C LYS B 70 8.52 17.93 13.52
N TRP B 71 7.83 18.19 12.41
CA TRP B 71 7.74 17.22 11.32
C TRP B 71 9.07 17.09 10.57
N ARG B 72 9.42 15.87 10.21
CA ARG B 72 10.58 15.61 9.37
C ARG B 72 10.09 15.03 8.04
N LYS B 73 10.59 15.56 6.94
CA LYS B 73 10.27 14.98 5.64
C LYS B 73 10.95 13.63 5.51
N LEU B 74 10.22 12.64 5.03
CA LEU B 74 10.80 11.32 4.79
C LEU B 74 10.43 10.91 3.38
N VAL B 75 11.44 10.78 2.52
CA VAL B 75 11.22 10.27 1.17
C VAL B 75 11.43 8.76 1.19
N ASP B 76 10.52 8.02 0.57
CA ASP B 76 10.65 6.57 0.53
C ASP B 76 11.41 6.22 -0.75
N PHE B 77 12.74 6.22 -0.65
CA PHE B 77 13.61 5.91 -1.79
C PHE B 77 13.87 4.40 -1.99
N ARG B 78 13.04 3.52 -1.45
CA ARG B 78 13.34 2.10 -1.55
C ARG B 78 13.54 1.66 -3.00
N GLU B 79 12.72 2.18 -3.91
CA GLU B 79 12.82 1.79 -5.31
C GLU B 79 14.05 2.41 -5.97
N LEU B 80 14.23 3.73 -5.79
CA LEU B 80 15.43 4.37 -6.32
C LEU B 80 16.68 3.71 -5.76
N ASN B 81 16.65 3.30 -4.48
CA ASN B 81 17.81 2.65 -3.89
C ASN B 81 18.11 1.32 -4.59
N LYS B 82 17.08 0.54 -4.92
CA LYS B 82 17.30 -0.70 -5.66
C LYS B 82 17.87 -0.44 -7.05
N ARG B 83 17.46 0.64 -7.70
CA ARG B 83 17.80 0.88 -9.09
C ARG B 83 19.08 1.68 -9.24
N THR B 84 19.64 2.18 -8.15
CA THR B 84 20.84 2.98 -8.20
C THR B 84 22.06 2.07 -8.28
N GLN B 85 23.02 2.45 -9.13
CA GLN B 85 24.31 1.77 -9.21
C GLN B 85 24.85 1.47 -7.82
N ASP B 86 25.66 0.44 -7.75
CA ASP B 86 26.34 0.17 -6.50
C ASP B 86 27.60 1.02 -6.45
N PHE B 87 27.98 1.42 -5.24
CA PHE B 87 29.05 2.38 -5.03
C PHE B 87 30.30 1.70 -4.47
N TRP B 88 31.14 1.19 -5.38
CA TRP B 88 32.40 0.55 -4.99
C TRP B 88 33.61 1.24 -5.61
N GLU B 89 33.47 2.52 -5.98
CA GLU B 89 34.59 3.28 -6.60
C GLU B 89 35.87 3.02 -5.79
N VAL B 90 35.85 3.26 -4.47
CA VAL B 90 37.03 2.94 -3.60
C VAL B 90 36.55 2.32 -2.29
N GLN B 91 35.99 3.13 -1.40
CA GLN B 91 35.55 2.64 -0.06
C GLN B 91 34.22 1.90 -0.22
N LEU B 92 34.11 0.70 0.34
CA LEU B 92 32.89 -0.12 0.14
C LEU B 92 31.93 0.03 1.32
N GLY B 93 31.44 1.25 1.57
CA GLY B 93 30.57 1.51 2.73
C GLY B 93 31.20 1.08 4.05
N ILE B 94 32.54 0.88 4.10
CA ILE B 94 33.30 0.48 5.33
C ILE B 94 32.95 -0.94 5.79
N PRO B 95 33.91 -1.87 5.83
CA PRO B 95 33.66 -3.23 6.35
C PRO B 95 32.93 -3.10 7.69
N HIS B 96 31.84 -3.84 7.87
CA HIS B 96 31.02 -3.64 9.08
C HIS B 96 31.83 -3.69 10.38
N PRO B 97 31.74 -2.73 11.34
CA PRO B 97 32.50 -2.87 12.60
C PRO B 97 31.81 -3.83 13.56
N ALA B 98 32.44 -5.00 13.78
CA ALA B 98 31.83 -6.01 14.62
C ALA B 98 31.83 -5.64 16.09
N GLY B 99 32.58 -4.61 16.49
CA GLY B 99 32.57 -4.18 17.87
C GLY B 99 31.50 -3.21 18.28
N LEU B 100 30.79 -2.61 17.31
CA LEU B 100 29.72 -1.68 17.66
C LEU B 100 28.66 -2.36 18.53
N LYS B 101 28.30 -3.62 18.22
CA LYS B 101 27.30 -4.35 19.00
C LYS B 101 27.78 -4.75 20.39
N LYS B 102 29.05 -4.50 20.72
CA LYS B 102 29.59 -4.86 22.02
C LYS B 102 29.76 -3.67 22.95
N LYS B 103 29.46 -2.45 22.50
CA LYS B 103 29.63 -1.28 23.35
C LYS B 103 28.47 -1.14 24.35
N LYS B 104 28.78 -0.51 25.49
CA LYS B 104 27.80 -0.35 26.56
C LYS B 104 26.70 0.62 26.20
N SER B 105 27.01 1.61 25.38
CA SER B 105 26.07 2.64 24.98
C SER B 105 26.32 2.92 23.51
N VAL B 106 25.25 2.94 22.73
CA VAL B 106 25.32 3.39 21.35
C VAL B 106 24.24 4.46 21.18
N THR B 107 24.65 5.65 20.78
CA THR B 107 23.74 6.75 20.53
C THR B 107 23.58 6.91 19.02
N VAL B 108 22.34 7.09 18.58
CA VAL B 108 22.06 7.24 17.17
C VAL B 108 21.79 8.71 16.89
N LEU B 109 22.59 9.30 16.02
CA LEU B 109 22.40 10.68 15.57
C LEU B 109 21.78 10.73 14.18
N ASP B 110 20.79 11.61 13.99
CA ASP B 110 20.34 12.02 12.65
C ASP B 110 21.30 13.07 12.09
N VAL B 111 22.17 12.69 11.15
CA VAL B 111 23.12 13.61 10.54
C VAL B 111 22.75 13.91 9.09
N GLY B 112 21.53 13.55 8.66
CA GLY B 112 21.19 13.65 7.25
C GLY B 112 21.26 15.07 6.73
N ASP B 113 21.14 16.06 7.62
CA ASP B 113 21.14 17.44 7.17
C ASP B 113 22.49 17.80 6.53
N ALA B 114 23.55 17.11 6.93
CA ALA B 114 24.87 17.36 6.35
C ALA B 114 24.91 17.10 4.85
N TYR B 115 24.09 16.18 4.37
CA TYR B 115 24.16 15.80 2.96
C TYR B 115 23.76 16.96 2.04
N PHE B 116 22.92 17.87 2.54
CA PHE B 116 22.40 18.96 1.72
C PHE B 116 23.51 19.94 1.32
N SER B 117 24.70 19.80 1.89
CA SER B 117 25.82 20.65 1.54
C SER B 117 26.52 20.22 0.25
N VAL B 118 26.18 19.07 -0.32
CA VAL B 118 26.85 18.54 -1.51
C VAL B 118 25.86 18.52 -2.67
N PRO B 119 26.22 19.10 -3.81
CA PRO B 119 25.30 19.12 -4.96
C PRO B 119 25.20 17.74 -5.56
N LEU B 120 24.05 17.45 -6.14
CA LEU B 120 23.80 16.17 -6.79
C LEU B 120 24.05 16.30 -8.29
N ASP B 121 24.68 15.27 -8.86
CA ASP B 121 24.97 15.23 -10.28
C ASP B 121 23.78 15.68 -11.11
N GLU B 122 24.00 16.72 -11.91
CA GLU B 122 22.94 17.35 -12.69
C GLU B 122 22.13 16.34 -13.51
N ASP B 123 22.78 15.30 -14.02
CA ASP B 123 22.09 14.35 -14.88
C ASP B 123 21.29 13.30 -14.09
N PHE B 124 21.56 13.14 -12.80
CA PHE B 124 20.84 12.19 -11.97
C PHE B 124 19.64 12.80 -11.24
N ARG B 125 19.57 14.13 -11.14
CA ARG B 125 18.55 14.78 -10.32
C ARG B 125 17.14 14.37 -10.70
N LYS B 126 16.84 14.24 -12.00
CA LYS B 126 15.46 13.93 -12.40
C LYS B 126 14.93 12.68 -11.70
N TYR B 127 15.81 11.72 -11.37
CA TYR B 127 15.34 10.48 -10.78
C TYR B 127 14.91 10.62 -9.32
N THR B 128 15.17 11.78 -8.71
CA THR B 128 14.73 12.08 -7.33
C THR B 128 13.40 12.83 -7.28
N ALA B 129 12.63 12.86 -8.39
CA ALA B 129 11.35 13.58 -8.43
C ALA B 129 10.40 13.07 -7.36
N PHE B 130 9.65 14.00 -6.76
CA PHE B 130 8.57 13.61 -5.85
C PHE B 130 7.48 14.65 -5.94
N THR B 131 6.32 14.33 -5.38
CA THR B 131 5.10 15.10 -5.55
C THR B 131 4.50 15.34 -4.17
N ILE B 132 4.14 16.58 -3.86
CA ILE B 132 3.30 16.86 -2.70
C ILE B 132 1.85 16.86 -3.20
N PRO B 133 1.04 15.87 -2.83
CA PRO B 133 -0.32 15.82 -3.36
C PRO B 133 -1.19 16.90 -2.70
N SER B 134 -2.36 17.16 -3.27
CA SER B 134 -3.32 18.02 -2.59
C SER B 134 -4.52 17.18 -2.17
N ILE B 135 -5.24 17.65 -1.13
CA ILE B 135 -6.42 16.94 -0.69
C ILE B 135 -7.42 16.89 -1.83
N ASN B 136 -7.94 15.69 -2.10
CA ASN B 136 -8.96 15.49 -3.12
C ASN B 136 -8.45 15.86 -4.52
N ASN B 137 -7.14 15.98 -4.69
CA ASN B 137 -6.54 16.28 -6.00
C ASN B 137 -7.13 17.56 -6.58
N GLU B 138 -7.52 18.49 -5.70
CA GLU B 138 -8.20 19.69 -6.17
C GLU B 138 -7.26 20.64 -6.89
N THR B 139 -5.99 20.63 -6.49
CA THR B 139 -4.95 21.46 -7.15
C THR B 139 -3.85 20.51 -7.64
N PRO B 140 -3.12 20.84 -8.73
CA PRO B 140 -2.08 19.96 -9.21
C PRO B 140 -1.03 19.68 -8.13
N GLY B 141 -0.66 18.42 -7.95
CA GLY B 141 0.42 18.09 -7.02
C GLY B 141 1.67 18.92 -7.31
N ILE B 142 2.36 19.31 -6.24
CA ILE B 142 3.56 20.14 -6.38
C ILE B 142 4.74 19.23 -6.67
N ARG B 143 5.42 19.46 -7.79
CA ARG B 143 6.47 18.56 -8.24
C ARG B 143 7.85 19.18 -8.02
N TYR B 144 8.73 18.45 -7.34
CA TYR B 144 10.11 18.87 -7.08
C TYR B 144 11.10 17.79 -7.47
N GLN B 145 12.37 18.19 -7.61
CA GLN B 145 13.47 17.26 -7.59
C GLN B 145 14.59 17.88 -6.76
N TYR B 146 15.52 17.03 -6.36
CA TYR B 146 16.62 17.43 -5.50
C TYR B 146 17.77 18.01 -6.34
N ASN B 147 18.38 19.06 -5.81
CA ASN B 147 19.64 19.61 -6.35
C ASN B 147 20.86 19.19 -5.54
N VAL B 148 20.64 18.59 -4.38
CA VAL B 148 21.68 18.21 -3.44
C VAL B 148 21.43 16.77 -3.01
N LEU B 149 22.41 16.19 -2.34
CA LEU B 149 22.26 14.79 -1.87
C LEU B 149 20.99 14.70 -1.00
N PRO B 150 20.04 13.84 -1.34
CA PRO B 150 18.81 13.74 -0.52
C PRO B 150 18.99 12.81 0.67
N GLN B 151 18.25 13.11 1.74
CA GLN B 151 18.16 12.19 2.85
C GLN B 151 17.44 10.92 2.42
N GLY B 152 17.95 9.76 2.86
CA GLY B 152 17.29 8.50 2.60
C GLY B 152 17.73 7.80 1.34
N TRP B 153 18.52 8.46 0.49
CA TRP B 153 19.02 7.83 -0.73
C TRP B 153 20.35 7.12 -0.44
N LYS B 154 20.48 5.89 -0.96
CA LYS B 154 21.68 5.09 -0.73
C LYS B 154 22.95 5.81 -1.16
N GLY B 155 22.87 6.63 -2.20
CA GLY B 155 24.07 7.29 -2.68
C GLY B 155 24.60 8.38 -1.77
N SER B 156 23.76 8.93 -0.89
CA SER B 156 24.17 10.11 -0.14
C SER B 156 25.29 9.81 0.83
N PRO B 157 25.19 8.81 1.71
CA PRO B 157 26.35 8.49 2.58
C PRO B 157 27.58 8.06 1.79
N ALA B 158 27.37 7.34 0.68
CA ALA B 158 28.49 6.97 -0.17
C ALA B 158 29.20 8.20 -0.73
N ILE B 159 28.45 9.13 -1.33
CA ILE B 159 29.12 10.31 -1.91
C ILE B 159 29.66 11.20 -0.81
N PHE B 160 28.96 11.29 0.31
CA PHE B 160 29.42 12.17 1.37
C PHE B 160 30.54 11.56 2.21
N GLN B 161 30.80 10.26 2.06
CA GLN B 161 31.75 9.53 2.94
C GLN B 161 33.09 10.28 3.03
N SER B 162 33.63 10.63 1.86
CA SER B 162 34.91 11.34 1.86
C SER B 162 34.87 12.56 2.78
N SER B 163 33.79 13.32 2.74
CA SER B 163 33.69 14.52 3.57
C SER B 163 33.43 14.19 5.03
N MET B 164 32.72 13.10 5.32
CA MET B 164 32.43 12.75 6.72
C MET B 164 33.69 12.28 7.45
N THR B 165 34.52 11.46 6.78
CA THR B 165 35.76 10.99 7.41
C THR B 165 36.64 12.15 7.82
N LYS B 166 36.68 13.20 7.01
CA LYS B 166 37.49 14.37 7.29
C LYS B 166 36.90 15.22 8.42
N ILE B 167 35.57 15.28 8.54
CA ILE B 167 34.96 16.05 9.62
C ILE B 167 35.32 15.46 10.97
N LEU B 168 35.34 14.13 11.08
CA LEU B 168 35.50 13.50 12.38
C LEU B 168 36.91 12.99 12.65
N GLU B 169 37.88 13.23 11.76
CA GLU B 169 39.27 12.91 12.06
C GLU B 169 39.72 13.47 13.40
N PRO B 170 39.51 14.75 13.73
CA PRO B 170 39.91 15.24 15.06
C PRO B 170 39.25 14.49 16.21
N PHE B 171 37.93 14.22 16.11
CA PHE B 171 37.25 13.50 17.17
C PHE B 171 37.71 12.05 17.28
N LYS B 172 38.09 11.44 16.16
CA LYS B 172 38.45 10.02 16.19
C LYS B 172 39.83 9.82 16.84
N LYS B 173 40.83 10.58 16.41
CA LYS B 173 42.16 10.39 17.01
C LYS B 173 42.19 10.84 18.46
N GLN B 174 41.31 11.78 18.86
CA GLN B 174 41.15 12.17 20.26
C GLN B 174 40.46 11.09 21.09
N ASN B 175 39.59 10.28 20.48
CA ASN B 175 38.79 9.27 21.18
C ASN B 175 38.89 7.96 20.40
N PRO B 176 40.03 7.28 20.48
CA PRO B 176 40.26 6.14 19.59
C PRO B 176 39.46 4.88 19.94
N ASP B 177 38.91 4.78 21.15
CA ASP B 177 38.13 3.61 21.53
C ASP B 177 36.65 3.72 21.15
N ILE B 178 36.26 4.87 20.58
CA ILE B 178 34.88 5.10 20.16
C ILE B 178 34.66 4.49 18.79
N VAL B 179 33.60 3.69 18.67
CA VAL B 179 33.20 3.13 17.39
C VAL B 179 32.15 4.05 16.78
N ILE B 180 32.42 4.52 15.57
CA ILE B 180 31.50 5.39 14.83
C ILE B 180 31.17 4.70 13.52
N TYR B 181 29.87 4.45 13.29
CA TYR B 181 29.39 3.75 12.11
C TYR B 181 28.22 4.53 11.48
N GLN B 182 28.27 4.73 10.18
CA GLN B 182 27.23 5.48 9.46
C GLN B 182 26.34 4.52 8.69
N TYR B 183 25.02 4.65 8.84
CA TYR B 183 24.09 3.89 8.00
C TYR B 183 23.05 4.87 7.50
N MET B 184 23.00 5.08 6.17
CA MET B 184 22.03 5.99 5.58
C MET B 184 22.11 7.35 6.28
N ASP B 185 21.04 7.87 6.91
CA ASP B 185 21.12 9.22 7.52
C ASP B 185 21.53 9.17 8.98
N ASP B 186 21.81 7.99 9.51
CA ASP B 186 22.13 7.82 10.92
C ASP B 186 23.64 7.69 11.11
N LEU B 187 24.11 8.25 12.22
CA LEU B 187 25.44 7.99 12.74
C LEU B 187 25.26 7.28 14.08
N TYR B 188 25.90 6.11 14.24
CA TYR B 188 25.85 5.30 15.46
C TYR B 188 27.19 5.47 16.21
N VAL B 189 27.12 5.89 17.48
CA VAL B 189 28.37 6.24 18.18
C VAL B 189 28.39 5.44 19.49
N GLY B 190 29.31 4.47 19.57
CA GLY B 190 29.33 3.50 20.65
C GLY B 190 30.55 3.71 21.54
N SER B 191 30.30 3.77 22.85
CA SER B 191 31.40 3.83 23.80
C SER B 191 31.14 2.88 24.96
N ASP B 192 32.17 2.68 25.77
CA ASP B 192 32.04 1.92 27.01
C ASP B 192 32.03 2.82 28.24
N LEU B 193 31.89 4.14 28.06
CA LEU B 193 31.93 5.09 29.15
C LEU B 193 30.62 5.07 29.96
N GLU B 194 30.68 5.67 31.14
CA GLU B 194 29.46 5.92 31.89
C GLU B 194 28.59 6.90 31.11
N ILE B 195 27.27 6.79 31.30
CA ILE B 195 26.33 7.44 30.38
C ILE B 195 26.45 8.96 30.41
N GLY B 196 26.65 9.54 31.61
CA GLY B 196 26.89 10.97 31.70
C GLY B 196 28.15 11.39 30.96
N GLN B 197 29.20 10.59 31.06
CA GLN B 197 30.38 10.72 30.20
C GLN B 197 30.00 10.59 28.74
N HIS B 198 29.30 9.50 28.41
CA HIS B 198 28.89 9.20 27.05
C HIS B 198 28.18 10.39 26.42
N ARG B 199 27.15 10.92 27.10
CA ARG B 199 26.35 11.99 26.52
C ARG B 199 27.21 13.24 26.25
N THR B 200 28.24 13.47 27.07
CA THR B 200 29.14 14.59 26.84
C THR B 200 30.00 14.36 25.60
N LYS B 201 30.50 13.13 25.40
CA LYS B 201 31.22 12.82 24.17
C LYS B 201 30.32 12.96 22.95
N ILE B 202 29.06 12.51 23.07
CA ILE B 202 28.09 12.71 21.99
C ILE B 202 27.94 14.20 21.70
N GLU B 203 27.75 15.01 22.75
CA GLU B 203 27.63 16.45 22.55
C GLU B 203 28.91 17.03 21.97
N GLU B 204 30.06 16.50 22.37
CA GLU B 204 31.33 16.87 21.74
C GLU B 204 31.26 16.65 20.23
N LEU B 205 30.72 15.48 19.84
CA LEU B 205 30.62 15.10 18.44
C LEU B 205 29.73 16.08 17.67
N ARG B 206 28.59 16.44 18.27
CA ARG B 206 27.66 17.36 17.60
C ARG B 206 28.38 18.65 17.21
N GLN B 207 29.27 19.14 18.08
CA GLN B 207 29.92 20.42 17.83
C GLN B 207 30.78 20.38 16.57
N HIS B 208 31.49 19.25 16.35
CA HIS B 208 32.26 19.09 15.13
C HIS B 208 31.40 19.30 13.88
N LEU B 209 30.16 18.84 13.91
CA LEU B 209 29.28 19.02 12.75
C LEU B 209 28.60 20.38 12.77
N LEU B 210 28.36 20.93 13.97
CA LEU B 210 27.91 22.32 14.05
C LEU B 210 28.99 23.27 13.52
N ARG B 211 30.25 23.06 13.93
CA ARG B 211 31.31 23.98 13.50
C ARG B 211 31.60 23.83 12.00
N TRP B 212 31.65 22.58 11.50
CA TRP B 212 31.80 22.38 10.06
C TRP B 212 30.63 23.03 9.31
N GLY B 213 29.41 22.88 9.82
CA GLY B 213 28.24 23.44 9.14
C GLY B 213 28.35 24.93 8.90
N LEU B 214 28.97 25.66 9.82
CA LEU B 214 29.16 27.11 9.70
C LEU B 214 30.61 27.49 9.35
N GLU B 224 20.85 25.67 9.93
CA GLU B 224 21.21 24.91 11.13
C GLU B 224 20.42 23.59 11.14
N PRO B 225 21.09 22.47 11.43
CA PRO B 225 20.43 21.15 11.35
C PRO B 225 19.27 21.04 12.32
N PRO B 226 18.06 20.70 11.83
CA PRO B 226 16.87 20.71 12.70
C PRO B 226 16.76 19.56 13.70
N PHE B 227 17.42 18.41 13.45
CA PHE B 227 17.30 17.25 14.34
C PHE B 227 18.65 16.70 14.80
N LEU B 228 19.75 17.43 14.57
CA LEU B 228 21.07 16.97 15.01
C LEU B 228 21.16 16.88 16.53
N TRP B 229 20.43 17.76 17.26
CA TRP B 229 20.44 17.77 18.72
C TRP B 229 19.89 16.49 19.36
N MET B 230 19.20 15.62 18.60
CA MET B 230 18.53 14.46 19.20
C MET B 230 19.51 13.33 19.47
N GLY B 231 19.11 12.43 20.38
CA GLY B 231 19.92 11.27 20.66
C GLY B 231 19.09 10.04 21.04
N TYR B 232 19.14 9.01 20.19
CA TYR B 232 18.48 7.74 20.47
C TYR B 232 19.51 6.82 21.13
N GLU B 233 19.33 6.53 22.42
CA GLU B 233 20.33 5.80 23.19
C GLU B 233 19.99 4.32 23.20
N LEU B 234 20.93 3.49 22.75
CA LEU B 234 20.83 2.04 22.78
C LEU B 234 21.87 1.49 23.75
N HIS B 235 21.69 0.24 24.15
CA HIS B 235 22.65 -0.44 25.03
C HIS B 235 22.76 -1.87 24.55
N PRO B 236 23.49 -2.07 23.43
CA PRO B 236 23.50 -3.41 22.81
C PRO B 236 24.11 -4.49 23.68
N ASP B 237 25.01 -4.15 24.61
CA ASP B 237 25.57 -5.20 25.46
C ASP B 237 24.52 -5.85 26.35
N LYS B 238 23.38 -5.18 26.58
CA LYS B 238 22.28 -5.74 27.37
C LYS B 238 21.21 -6.41 26.51
N TRP B 239 21.41 -6.50 25.18
CA TRP B 239 20.41 -7.14 24.34
C TRP B 239 20.26 -8.62 24.69
N THR B 240 19.01 -9.06 24.80
CA THR B 240 18.67 -10.40 25.25
C THR B 240 18.30 -11.29 24.07
N VAL B 241 18.55 -12.59 24.24
CA VAL B 241 18.22 -13.59 23.22
C VAL B 241 17.22 -14.57 23.81
N GLN B 242 16.72 -15.45 22.91
CA GLN B 242 15.69 -16.44 23.32
C GLN B 242 16.14 -17.88 23.02
N PRO B 243 16.97 -18.58 23.85
CA PRO B 243 17.20 -20.04 23.67
C PRO B 243 15.92 -20.83 23.87
N ILE B 244 15.97 -22.10 23.49
CA ILE B 244 14.76 -22.95 23.64
C ILE B 244 14.82 -23.53 25.05
N VAL B 245 13.71 -23.37 25.80
CA VAL B 245 13.67 -23.85 27.17
C VAL B 245 12.41 -24.70 27.30
N LEU B 246 12.49 -25.70 28.11
CA LEU B 246 11.37 -26.65 28.27
C LEU B 246 10.84 -26.50 29.70
N PRO B 247 9.56 -26.79 29.94
CA PRO B 247 9.01 -26.61 31.29
C PRO B 247 9.68 -27.52 32.30
N GLU B 248 9.73 -27.07 33.57
CA GLU B 248 10.12 -27.92 34.69
C GLU B 248 8.90 -28.08 35.56
N LYS B 249 8.35 -29.32 35.58
CA LYS B 249 7.10 -29.52 36.29
C LYS B 249 7.22 -30.72 37.20
N ASP B 250 6.36 -30.75 38.21
CA ASP B 250 6.22 -31.90 39.07
C ASP B 250 5.07 -32.78 38.66
N SER B 251 4.03 -32.19 38.03
CA SER B 251 2.84 -32.94 37.57
C SER B 251 2.71 -32.63 36.10
N TRP B 252 2.83 -33.65 35.24
CA TRP B 252 2.61 -33.47 33.80
C TRP B 252 1.25 -34.06 33.45
N THR B 253 0.39 -33.26 32.79
CA THR B 253 -0.82 -33.85 32.25
C THR B 253 -0.51 -34.46 30.87
N VAL B 254 -1.43 -35.30 30.37
CA VAL B 254 -1.35 -35.75 28.98
C VAL B 254 -1.13 -34.55 28.06
N ASN B 255 -1.94 -33.50 28.26
CA ASN B 255 -1.81 -32.30 27.41
C ASN B 255 -0.41 -31.70 27.52
N ASP B 256 0.13 -31.60 28.74
CA ASP B 256 1.49 -31.05 28.90
C ASP B 256 2.49 -31.86 28.12
N ILE B 257 2.40 -33.19 28.20
CA ILE B 257 3.39 -34.02 27.51
C ILE B 257 3.21 -33.91 25.99
N GLN B 258 1.96 -33.81 25.51
CA GLN B 258 1.76 -33.63 24.07
C GLN B 258 2.40 -32.32 23.61
N LYS B 259 2.23 -31.27 24.40
CA LYS B 259 2.85 -29.96 24.04
C LYS B 259 4.37 -30.10 24.05
N LEU B 260 4.91 -30.82 25.02
CA LEU B 260 6.35 -31.01 25.11
C LEU B 260 6.88 -31.78 23.90
N VAL B 261 6.22 -32.90 23.56
CA VAL B 261 6.64 -33.69 22.40
C VAL B 261 6.51 -32.86 21.12
N GLY B 262 5.47 -32.03 21.03
CA GLY B 262 5.32 -31.15 19.88
C GLY B 262 6.47 -30.14 19.78
N LYS B 263 6.81 -29.54 20.91
CA LYS B 263 7.91 -28.56 20.89
C LYS B 263 9.24 -29.25 20.60
N LEU B 264 9.47 -30.46 21.16
CA LEU B 264 10.72 -31.17 20.90
C LEU B 264 10.81 -31.63 19.44
N ASN B 265 9.70 -32.05 18.86
CA ASN B 265 9.70 -32.41 17.45
C ASN B 265 10.13 -31.22 16.59
N TRP B 266 9.62 -30.04 16.91
CA TRP B 266 10.02 -28.84 16.19
C TRP B 266 11.50 -28.53 16.40
N ALA B 267 11.94 -28.60 17.66
CA ALA B 267 13.35 -28.35 17.98
C ALA B 267 14.30 -29.32 17.27
N SER B 268 13.88 -30.59 17.10
CA SER B 268 14.73 -31.58 16.44
C SER B 268 15.07 -31.18 15.00
N GLN B 269 14.33 -30.24 14.40
CA GLN B 269 14.75 -29.70 13.10
C GLN B 269 15.91 -28.74 13.21
N ILE B 270 16.12 -28.18 14.38
CA ILE B 270 17.20 -27.23 14.62
C ILE B 270 18.40 -27.91 15.25
N TYR B 271 18.13 -28.87 16.15
CA TYR B 271 19.13 -29.61 16.91
C TYR B 271 19.06 -31.09 16.59
N PRO B 272 20.13 -31.68 16.02
CA PRO B 272 20.08 -33.09 15.59
C PRO B 272 19.59 -34.09 16.63
N GLY B 273 20.31 -34.25 17.73
CA GLY B 273 20.11 -35.39 18.59
C GLY B 273 18.89 -35.35 19.51
N ILE B 274 17.90 -34.48 19.26
CA ILE B 274 16.70 -34.46 20.10
C ILE B 274 15.88 -35.73 19.88
N LYS B 275 15.46 -36.39 20.96
CA LYS B 275 14.65 -37.61 20.91
C LYS B 275 13.33 -37.43 21.67
N VAL B 276 12.27 -38.08 21.20
CA VAL B 276 10.97 -38.01 21.87
C VAL B 276 10.37 -39.39 22.13
N ARG B 277 11.10 -40.46 21.76
CA ARG B 277 10.55 -41.82 21.86
C ARG B 277 10.07 -42.15 23.28
N GLN B 278 10.92 -41.93 24.29
CA GLN B 278 10.55 -42.30 25.65
C GLN B 278 9.45 -41.42 26.20
N LEU B 279 9.40 -40.15 25.82
CA LEU B 279 8.33 -39.28 26.28
C LEU B 279 7.01 -39.71 25.67
N SER B 280 6.98 -39.96 24.35
CA SER B 280 5.76 -40.42 23.70
C SER B 280 5.21 -41.68 24.37
N LYS B 281 6.08 -42.59 24.77
CA LYS B 281 5.64 -43.83 25.41
C LYS B 281 4.85 -43.59 26.70
N LEU B 282 5.00 -42.42 27.32
CA LEU B 282 4.21 -42.15 28.53
C LEU B 282 2.72 -42.08 28.21
N LEU B 283 2.39 -41.73 26.97
CA LEU B 283 1.04 -41.52 26.52
C LEU B 283 0.35 -42.79 25.99
N ARG B 284 0.98 -43.96 26.14
CA ARG B 284 0.41 -45.23 25.65
C ARG B 284 -1.01 -45.41 26.16
N GLY B 285 -1.94 -45.62 25.24
CA GLY B 285 -3.35 -45.63 25.54
C GLY B 285 -4.06 -44.44 24.94
N THR B 286 -5.25 -44.19 25.43
CA THR B 286 -6.10 -43.13 24.90
C THR B 286 -6.60 -42.32 26.08
N LYS B 287 -5.77 -41.44 26.62
CA LYS B 287 -6.15 -40.92 27.93
C LYS B 287 -6.79 -39.53 27.83
N ALA B 288 -7.55 -39.19 28.88
CA ALA B 288 -8.09 -37.85 29.04
C ALA B 288 -6.97 -36.81 29.03
N LEU B 289 -7.21 -35.67 28.37
CA LEU B 289 -6.15 -34.66 28.21
C LEU B 289 -5.69 -34.13 29.54
N THR B 290 -6.59 -34.08 30.53
CA THR B 290 -6.19 -33.48 31.80
C THR B 290 -5.66 -34.50 32.81
N GLU B 291 -5.53 -35.75 32.44
CA GLU B 291 -5.06 -36.75 33.38
C GLU B 291 -3.56 -36.57 33.64
N VAL B 292 -3.15 -36.68 34.90
CA VAL B 292 -1.73 -36.53 35.24
C VAL B 292 -1.01 -37.84 35.00
N ILE B 293 0.15 -37.77 34.36
CA ILE B 293 0.99 -38.91 34.01
C ILE B 293 2.32 -38.77 34.74
N PRO B 294 2.72 -39.75 35.55
CA PRO B 294 4.06 -39.69 36.16
C PRO B 294 5.13 -39.94 35.10
N LEU B 295 6.21 -39.17 35.16
CA LEU B 295 7.36 -39.45 34.32
C LEU B 295 8.03 -40.74 34.78
N THR B 296 8.32 -41.65 33.85
CA THR B 296 9.23 -42.75 34.13
C THR B 296 10.69 -42.26 34.12
N GLU B 297 11.58 -43.13 34.59
CA GLU B 297 13.02 -42.79 34.58
C GLU B 297 13.53 -42.63 33.15
N GLU B 298 13.10 -43.51 32.25
CA GLU B 298 13.56 -43.45 30.87
C GLU B 298 13.13 -42.15 30.20
N ALA B 299 11.92 -41.66 30.52
CA ALA B 299 11.44 -40.43 29.89
C ALA B 299 12.13 -39.26 30.53
N GLU B 300 12.40 -39.36 31.83
CA GLU B 300 13.11 -38.27 32.54
C GLU B 300 14.53 -38.18 32.02
N LEU B 301 15.19 -39.32 31.83
CA LEU B 301 16.54 -39.27 31.24
C LEU B 301 16.51 -38.60 29.87
N GLU B 302 15.63 -39.06 28.98
CA GLU B 302 15.50 -38.45 27.66
C GLU B 302 15.28 -36.95 27.75
N LEU B 303 14.44 -36.51 28.70
CA LEU B 303 14.16 -35.08 28.83
C LEU B 303 15.38 -34.30 29.29
N ALA B 304 16.11 -34.83 30.28
CA ALA B 304 17.33 -34.16 30.70
C ALA B 304 18.35 -34.10 29.56
N GLU B 305 18.48 -35.18 28.80
CA GLU B 305 19.38 -35.18 27.66
C GLU B 305 18.97 -34.13 26.65
N ASN B 306 17.66 -33.98 26.40
CA ASN B 306 17.20 -32.91 25.52
C ASN B 306 17.50 -31.54 26.10
N ARG B 307 17.30 -31.35 27.41
CA ARG B 307 17.61 -30.04 27.98
C ARG B 307 19.08 -29.69 27.74
N GLU B 308 19.96 -30.67 27.90
CA GLU B 308 21.40 -30.44 27.73
C GLU B 308 21.74 -30.06 26.30
N ILE B 309 21.13 -30.73 25.32
CA ILE B 309 21.32 -30.37 23.91
C ILE B 309 20.92 -28.91 23.69
N LEU B 310 19.80 -28.49 24.28
CA LEU B 310 19.25 -27.16 24.05
C LEU B 310 20.09 -26.05 24.68
N LYS B 311 21.10 -26.39 25.48
CA LYS B 311 22.03 -25.39 26.04
C LYS B 311 23.18 -25.05 25.09
N GLU B 312 23.39 -25.83 24.07
CA GLU B 312 24.46 -25.61 23.12
C GLU B 312 23.98 -24.75 21.95
N PRO B 313 24.90 -24.07 21.27
CA PRO B 313 24.53 -23.33 20.05
C PRO B 313 24.10 -24.25 18.93
N VAL B 314 23.34 -23.68 18.01
CA VAL B 314 22.96 -24.37 16.79
C VAL B 314 24.18 -24.53 15.88
N HIS B 315 24.29 -25.72 15.26
CA HIS B 315 25.43 -26.11 14.41
CA HIS B 315 25.45 -26.06 14.44
C HIS B 315 25.31 -25.46 13.04
N GLY B 316 26.46 -25.11 12.45
CA GLY B 316 26.52 -24.59 11.10
C GLY B 316 25.74 -23.31 10.86
N VAL B 317 25.86 -22.34 11.78
CA VAL B 317 25.23 -21.02 11.63
C VAL B 317 26.31 -20.01 11.30
N TYR B 318 26.17 -19.33 10.17
CA TYR B 318 27.15 -18.34 9.74
C TYR B 318 26.39 -17.23 9.04
N TYR B 319 26.92 -16.02 9.13
CA TYR B 319 26.34 -14.91 8.38
C TYR B 319 27.03 -14.82 7.02
N ASP B 320 26.23 -14.71 5.96
CA ASP B 320 26.74 -14.46 4.62
C ASP B 320 26.33 -13.09 4.16
N PRO B 321 27.26 -12.12 4.01
CA PRO B 321 26.87 -10.76 3.59
C PRO B 321 26.26 -10.70 2.22
N SER B 322 26.34 -11.77 1.44
CA SER B 322 25.73 -11.73 0.13
C SER B 322 24.24 -12.11 0.13
N LYS B 323 23.71 -12.63 1.25
CA LYS B 323 22.34 -13.12 1.29
C LYS B 323 21.47 -12.19 2.11
N ASP B 324 20.19 -12.17 1.78
CA ASP B 324 19.26 -11.38 2.57
C ASP B 324 19.13 -11.91 4.00
N LEU B 325 18.91 -10.99 4.93
CA LEU B 325 18.44 -11.32 6.26
C LEU B 325 16.92 -11.32 6.27
N ILE B 326 16.34 -12.34 6.92
CA ILE B 326 14.88 -12.48 7.01
C ILE B 326 14.49 -12.35 8.48
N ALA B 327 13.49 -11.52 8.76
CA ALA B 327 12.99 -11.38 10.13
C ALA B 327 11.54 -11.83 10.20
N GLU B 328 11.25 -12.75 11.13
CA GLU B 328 9.89 -13.18 11.41
C GLU B 328 9.45 -12.67 12.76
N ILE B 329 8.17 -12.31 12.88
CA ILE B 329 7.64 -11.78 14.15
C ILE B 329 6.38 -12.54 14.50
N GLN B 330 6.20 -12.90 15.78
CA GLN B 330 4.92 -13.47 16.24
C GLN B 330 4.30 -12.59 17.31
N LYS B 331 2.99 -12.41 17.18
CA LYS B 331 2.21 -11.75 18.21
C LYS B 331 1.93 -12.76 19.34
N GLN B 332 2.41 -12.49 20.56
CA GLN B 332 2.19 -13.46 21.62
C GLN B 332 1.06 -13.04 22.56
N GLY B 333 0.55 -11.83 22.42
CA GLY B 333 -0.52 -11.35 23.27
C GLY B 333 -0.01 -10.57 24.47
N GLN B 334 -0.92 -9.77 25.04
N GLN B 334 -0.87 -9.69 25.08
CA GLN B 334 -0.55 -8.94 26.19
CA GLN B 334 -0.51 -8.86 26.22
C GLN B 334 0.66 -8.08 25.90
C GLN B 334 0.70 -7.99 25.93
N GLY B 335 0.77 -7.60 24.66
CA GLY B 335 1.87 -6.71 24.35
C GLY B 335 3.22 -7.36 24.16
N GLN B 336 3.28 -8.68 24.01
CA GLN B 336 4.56 -9.36 23.91
C GLN B 336 4.75 -9.83 22.47
N TRP B 337 5.98 -9.74 21.97
CA TRP B 337 6.27 -10.08 20.58
C TRP B 337 7.56 -10.87 20.55
N THR B 338 7.59 -11.97 19.80
CA THR B 338 8.83 -12.70 19.62
C THR B 338 9.29 -12.53 18.19
N TYR B 339 10.59 -12.68 17.94
CA TYR B 339 11.09 -12.56 16.59
C TYR B 339 12.38 -13.35 16.43
N GLN B 340 12.65 -13.68 15.17
CA GLN B 340 13.84 -14.41 14.81
C GLN B 340 14.41 -13.77 13.55
N ILE B 341 15.74 -13.67 13.47
CA ILE B 341 16.42 -13.21 12.25
C ILE B 341 17.29 -14.35 11.77
N TYR B 342 17.14 -14.70 10.50
CA TYR B 342 17.92 -15.81 9.93
C TYR B 342 18.17 -15.56 8.44
N GLN B 343 19.09 -16.34 7.86
CA GLN B 343 19.20 -16.37 6.40
C GLN B 343 18.75 -17.68 5.79
N GLU B 344 19.01 -18.80 6.49
CA GLU B 344 18.56 -20.13 6.11
C GLU B 344 17.56 -20.63 7.15
N PRO B 345 16.52 -21.36 6.75
CA PRO B 345 15.59 -21.93 7.73
C PRO B 345 16.31 -22.72 8.82
N PHE B 346 15.88 -22.51 10.07
CA PHE B 346 16.35 -23.21 11.29
C PHE B 346 17.76 -22.83 11.71
N LYS B 347 18.36 -21.85 11.05
CA LYS B 347 19.68 -21.37 11.41
C LYS B 347 19.54 -19.93 11.88
N ASN B 348 18.95 -19.72 13.06
CA ASN B 348 18.72 -18.36 13.52
C ASN B 348 20.02 -17.67 13.88
N LEU B 349 20.20 -16.44 13.38
CA LEU B 349 21.34 -15.61 13.75
C LEU B 349 21.08 -14.78 15.00
N LYS B 350 19.81 -14.46 15.27
CA LYS B 350 19.41 -13.74 16.48
C LYS B 350 17.94 -14.06 16.74
N THR B 351 17.57 -14.24 18.00
CA THR B 351 16.16 -14.32 18.37
C THR B 351 15.92 -13.34 19.50
N GLY B 352 14.66 -12.99 19.74
CA GLY B 352 14.47 -11.99 20.76
C GLY B 352 13.01 -11.92 21.14
N LYS B 353 12.74 -11.08 22.13
CA LYS B 353 11.37 -10.93 22.60
C LYS B 353 11.22 -9.55 23.19
N TYR B 354 10.12 -8.87 22.87
CA TYR B 354 9.76 -7.55 23.41
C TYR B 354 8.44 -7.60 24.17
N ALA B 355 8.21 -6.57 24.99
CA ALA B 355 6.97 -6.42 25.75
C ALA B 355 6.73 -4.95 26.08
N ARG B 356 7.83 -4.21 26.22
CA ARG B 356 7.66 -2.78 26.63
C ARG B 356 7.31 -1.98 25.39
N MET B 357 6.18 -2.31 24.73
CA MET B 357 5.94 -1.53 23.52
C MET B 357 5.16 -0.24 23.82
N ARG B 358 5.77 0.86 23.39
CA ARG B 358 5.49 2.24 23.78
C ARG B 358 4.01 2.59 23.57
N GLY B 359 3.46 3.36 24.52
CA GLY B 359 2.07 3.87 24.44
C GLY B 359 1.24 3.26 23.34
N ALA B 360 1.04 1.94 23.39
CA ALA B 360 0.25 1.25 22.38
C ALA B 360 -0.46 0.03 22.98
N HIS B 361 -0.91 0.15 24.24
CA HIS B 361 -1.50 -1.00 24.92
C HIS B 361 -2.82 -1.44 24.30
N THR B 362 -3.46 -0.58 23.52
CA THR B 362 -4.69 -0.92 22.81
C THR B 362 -4.51 -0.86 21.29
N ASN B 363 -3.28 -0.83 20.78
CA ASN B 363 -3.05 -0.74 19.34
C ASN B 363 -1.94 -1.71 18.94
N ASP B 364 -2.39 -2.88 18.41
CA ASP B 364 -1.55 -3.95 17.86
C ASP B 364 -0.60 -3.44 16.80
N VAL B 365 -1.14 -2.62 15.89
CA VAL B 365 -0.42 -2.22 14.69
C VAL B 365 0.67 -1.22 15.02
N LYS B 366 0.40 -0.30 15.95
CA LYS B 366 1.47 0.55 16.46
C LYS B 366 2.56 -0.26 17.15
N GLN B 367 2.19 -1.26 17.96
CA GLN B 367 3.19 -2.10 18.59
C GLN B 367 4.02 -2.82 17.54
N LEU B 368 3.36 -3.41 16.52
CA LEU B 368 4.12 -4.12 15.48
C LEU B 368 5.06 -3.14 14.77
N THR B 369 4.58 -1.93 14.50
CA THR B 369 5.45 -0.96 13.82
C THR B 369 6.66 -0.61 14.66
N GLU B 370 6.48 -0.46 15.97
CA GLU B 370 7.61 -0.23 16.86
CA GLU B 370 7.61 -0.23 16.87
C GLU B 370 8.54 -1.44 16.88
N ALA B 371 7.98 -2.66 16.89
CA ALA B 371 8.80 -3.84 16.87
C ALA B 371 9.65 -3.88 15.60
N VAL B 372 9.02 -3.58 14.47
CA VAL B 372 9.76 -3.58 13.21
C VAL B 372 10.95 -2.63 13.27
N GLN B 373 10.73 -1.43 13.78
CA GLN B 373 11.82 -0.47 13.90
C GLN B 373 12.94 -0.96 14.81
N LYS B 374 12.59 -1.51 15.98
CA LYS B 374 13.61 -2.00 16.91
C LYS B 374 14.41 -3.14 16.33
N ILE B 375 13.76 -4.06 15.62
CA ILE B 375 14.50 -5.16 14.99
C ILE B 375 15.41 -4.64 13.87
N THR B 376 14.91 -3.72 13.07
CA THR B 376 15.75 -3.13 12.03
C THR B 376 16.98 -2.45 12.62
N THR B 377 16.78 -1.73 13.73
CA THR B 377 17.91 -1.07 14.40
C THR B 377 18.93 -2.11 14.86
N GLU B 378 18.45 -3.22 15.45
CA GLU B 378 19.36 -4.27 15.89
C GLU B 378 20.12 -4.83 14.70
N SER B 379 19.42 -5.04 13.58
N SER B 379 19.44 -5.00 13.57
CA SER B 379 20.03 -5.57 12.36
CA SER B 379 20.08 -5.59 12.40
C SER B 379 21.13 -4.64 11.85
C SER B 379 21.11 -4.65 11.80
N ILE B 380 20.84 -3.33 11.81
CA ILE B 380 21.84 -2.36 11.37
C ILE B 380 23.08 -2.43 12.25
N VAL B 381 22.87 -2.41 13.58
CA VAL B 381 24.00 -2.45 14.51
C VAL B 381 24.82 -3.74 14.33
N ILE B 382 24.17 -4.88 14.09
CA ILE B 382 24.90 -6.16 14.11
C ILE B 382 25.51 -6.47 12.74
N TRP B 383 24.78 -6.28 11.64
CA TRP B 383 25.28 -6.61 10.31
C TRP B 383 25.39 -5.42 9.35
N GLY B 384 24.93 -4.25 9.72
CA GLY B 384 24.97 -3.14 8.79
C GLY B 384 24.02 -3.22 7.63
N LYS B 385 22.89 -3.93 7.77
CA LYS B 385 21.86 -3.84 6.74
C LYS B 385 20.51 -4.24 7.34
N THR B 386 19.49 -3.93 6.64
CA THR B 386 18.14 -4.14 7.17
C THR B 386 17.60 -5.48 6.69
N PRO B 387 16.73 -6.12 7.49
CA PRO B 387 16.18 -7.40 7.09
C PRO B 387 14.87 -7.22 6.34
N LYS B 388 14.49 -8.30 5.66
CA LYS B 388 13.21 -8.39 4.99
C LYS B 388 12.21 -9.05 5.96
N PHE B 389 11.14 -8.33 6.29
CA PHE B 389 10.24 -8.78 7.34
C PHE B 389 9.12 -9.64 6.78
N LYS B 390 8.73 -10.65 7.55
CA LYS B 390 7.52 -11.42 7.33
C LYS B 390 6.54 -11.00 8.44
N LEU B 391 5.59 -10.20 8.09
CA LEU B 391 4.74 -9.53 9.10
C LEU B 391 3.43 -10.29 9.30
N PRO B 392 3.04 -10.55 10.54
CA PRO B 392 1.73 -11.20 10.83
C PRO B 392 0.57 -10.19 10.84
N ILE B 393 0.19 -9.76 9.64
CA ILE B 393 -0.80 -8.70 9.48
C ILE B 393 -1.26 -8.73 8.04
N GLN B 394 -2.51 -8.35 7.80
CA GLN B 394 -3.05 -8.25 6.45
C GLN B 394 -2.48 -7.02 5.77
N LYS B 395 -2.07 -7.22 4.53
CA LYS B 395 -1.41 -6.13 3.80
C LYS B 395 -2.19 -4.82 3.91
N GLU B 396 -3.51 -4.88 3.74
CA GLU B 396 -4.29 -3.65 3.73
C GLU B 396 -4.26 -2.93 5.07
N THR B 397 -4.27 -3.69 6.17
CA THR B 397 -4.22 -3.06 7.47
C THR B 397 -2.85 -2.41 7.68
N TRP B 398 -1.77 -3.12 7.37
CA TRP B 398 -0.43 -2.54 7.54
C TRP B 398 -0.26 -1.28 6.69
N GLU B 399 -0.62 -1.38 5.40
CA GLU B 399 -0.41 -0.25 4.52
C GLU B 399 -1.22 0.97 4.89
N THR B 400 -2.37 0.78 5.55
CA THR B 400 -3.16 1.96 5.89
C THR B 400 -2.52 2.72 7.04
N TRP B 401 -1.80 2.03 7.95
CA TRP B 401 -1.45 2.58 9.26
C TRP B 401 0.04 2.73 9.56
N TRP B 402 0.95 1.96 8.94
CA TRP B 402 2.32 1.98 9.47
C TRP B 402 2.95 3.37 9.38
N THR B 403 2.60 4.16 8.37
CA THR B 403 3.26 5.46 8.28
C THR B 403 2.84 6.36 9.41
N GLU B 404 1.72 6.08 10.08
CA GLU B 404 1.32 6.92 11.23
C GLU B 404 2.21 6.72 12.44
N TYR B 405 2.94 5.61 12.53
CA TYR B 405 3.70 5.32 13.73
C TYR B 405 5.18 5.27 13.48
N TRP B 406 5.60 5.53 12.24
CA TRP B 406 6.99 5.33 11.88
C TRP B 406 7.83 6.50 12.39
N GLN B 407 8.98 6.20 12.99
CA GLN B 407 9.84 7.24 13.52
C GLN B 407 11.28 7.11 13.06
N ALA B 408 11.56 6.24 12.11
CA ALA B 408 12.92 6.03 11.64
C ALA B 408 13.11 6.72 10.29
N THR B 409 14.37 7.01 9.95
CA THR B 409 14.59 7.69 8.69
C THR B 409 14.88 6.77 7.52
N TRP B 410 15.00 5.46 7.75
CA TRP B 410 15.06 4.41 6.71
C TRP B 410 13.75 3.62 6.75
N ILE B 411 13.56 2.74 5.74
CA ILE B 411 12.36 1.90 5.66
C ILE B 411 12.80 0.53 5.13
N PRO B 412 12.56 -0.55 5.85
CA PRO B 412 12.94 -1.89 5.35
C PRO B 412 11.90 -2.39 4.36
N GLU B 413 12.14 -3.61 3.87
CA GLU B 413 11.18 -4.31 3.01
C GLU B 413 10.39 -5.28 3.84
N TRP B 414 9.20 -5.64 3.36
CA TRP B 414 8.36 -6.55 4.12
C TRP B 414 7.44 -7.32 3.18
N GLU B 415 6.95 -8.45 3.68
CA GLU B 415 5.89 -9.22 3.05
C GLU B 415 4.96 -9.65 4.17
N PHE B 416 3.84 -10.28 3.79
CA PHE B 416 2.73 -10.52 4.73
C PHE B 416 2.47 -12.01 4.88
N VAL B 417 2.19 -12.39 6.13
CA VAL B 417 1.90 -13.77 6.52
C VAL B 417 0.40 -13.85 6.68
N ASN B 418 -0.26 -14.67 5.87
CA ASN B 418 -1.73 -14.83 5.89
C ASN B 418 -2.18 -16.12 6.54
N THR B 419 -1.29 -17.09 6.73
CA THR B 419 -1.67 -18.35 7.37
C THR B 419 -1.03 -18.42 8.75
N PRO B 420 -1.77 -18.73 9.81
CA PRO B 420 -1.17 -18.73 11.18
C PRO B 420 -0.08 -19.77 11.29
N PRO B 421 1.12 -19.37 11.70
CA PRO B 421 2.17 -20.37 11.90
C PRO B 421 1.87 -21.18 13.15
N LEU B 422 1.96 -22.48 13.00
CA LEU B 422 1.90 -23.34 14.16
C LEU B 422 3.05 -23.10 15.15
N VAL B 423 4.20 -22.59 14.68
CA VAL B 423 5.43 -22.35 15.45
CA VAL B 423 5.38 -22.46 15.54
C VAL B 423 5.27 -21.32 16.55
N LYS B 424 4.24 -20.46 16.47
CA LYS B 424 4.08 -19.40 17.47
C LYS B 424 4.10 -19.96 18.88
N LEU B 425 3.40 -21.09 19.06
CA LEU B 425 3.39 -21.81 20.32
C LEU B 425 4.80 -22.05 20.88
N TRP B 426 5.76 -22.38 20.03
CA TRP B 426 7.06 -22.81 20.51
CA TRP B 426 6.99 -22.80 20.65
C TRP B 426 7.94 -21.64 20.94
N TYR B 427 7.65 -20.45 20.49
CA TYR B 427 8.42 -19.27 20.90
C TYR B 427 7.78 -18.59 22.11
N GLN B 428 6.60 -19.03 22.52
CA GLN B 428 5.93 -18.41 23.66
C GLN B 428 6.75 -18.66 24.91
C02 0IF C . -4.68 26.35 -8.94
C03 0IF C . -3.59 26.51 -8.08
C04 0IF C . -2.29 26.49 -8.55
C05 0IF C . -2.04 26.32 -9.90
C06 0IF C . -3.11 26.15 -10.74
C08 0IF C . -4.42 26.16 -10.31
C09 0IF C . -5.52 25.99 -11.22
F07 0IF C . -2.87 25.95 -12.06
N01 0IF C . -5.97 26.37 -8.47
N10 0IF C . -6.37 25.84 -11.97
C1 T27 D . -13.66 21.40 -9.68
N2 T27 D . -14.43 23.21 -4.24
C3 T27 D . -15.22 22.20 -11.29
C4 T27 D . -15.13 23.47 -10.76
C5 T27 D . -14.33 23.74 -9.68
C6 T27 D . -13.62 22.68 -9.14
C7 T27 D . -12.85 20.29 -9.07
C2 T27 D . -14.45 21.16 -10.78
C8 T27 D . -14.29 25.14 -9.12
N1 T27 D . -12.79 23.00 -8.03
C9 T27 D . -13.08 23.17 -4.32
C10 T27 D . -12.53 23.09 -5.61
C11 T27 D . -13.35 23.05 -6.73
N3 T27 D . -14.71 23.10 -6.57
C12 T27 D . -15.17 23.20 -5.34
N4 T27 D . -16.59 23.24 -5.11
C13 T27 D . -19.70 23.68 -7.88
C14 T27 D . -19.89 23.80 -6.51
C15 T27 D . -18.83 23.67 -5.63
C16 T27 D . -17.56 23.40 -6.12
C17 T27 D . -17.39 23.26 -7.47
C18 T27 D . -18.44 23.41 -8.37
N5 T27 D . -21.74 24.02 -9.52
C19 T27 D . -20.85 23.90 -8.82
C20 T27 D . -15.94 21.07 -13.37
C21 T27 D . -16.11 22.04 -12.47
N6 T27 D . -17.54 21.00 -15.49
C22 T27 D . -16.76 21.07 -14.64
S DMS E . -24.82 -13.97 5.09
O DMS E . -23.77 -13.98 6.55
C1 DMS E . -24.73 -15.51 4.13
C2 DMS E . -26.50 -14.13 5.74
S DMS F . -15.61 -16.33 13.86
O DMS F . -14.50 -14.94 14.17
C1 DMS F . -15.30 -17.54 15.19
C2 DMS F . -17.29 -15.81 14.11
S DMS G . -3.58 -35.01 -0.46
O DMS G . -4.71 -34.06 0.59
C1 DMS G . -1.99 -35.30 0.37
C2 DMS G . -4.21 -36.71 -0.71
C1 EDO H . 6.31 25.48 -18.75
O1 EDO H . 5.54 26.64 -19.07
C2 EDO H . 5.55 24.36 -18.04
O2 EDO H . 6.49 23.70 -17.18
C1 EDO I . -15.64 -29.85 -0.01
O1 EDO I . -15.59 -30.06 1.38
C2 EDO I . -16.95 -29.34 -0.47
O2 EDO I . -16.92 -27.98 -0.85
MG MG J . -2.30 -40.27 10.07
S SO4 K . -18.56 -21.61 21.79
O1 SO4 K . -17.82 -22.83 21.79
O2 SO4 K . -19.31 -21.50 23.00
O3 SO4 K . -17.66 -20.50 21.69
O4 SO4 K . -19.46 -21.60 20.68
S DMS L . -3.30 7.30 8.07
O DMS L . -4.59 6.19 7.50
C1 DMS L . -2.73 8.14 6.57
C2 DMS L . -4.15 8.53 9.12
S DMS M . 13.62 11.26 -19.76
O DMS M . 11.97 10.61 -19.36
C1 DMS M . 13.38 12.43 -21.12
C2 DMS M . 14.23 12.40 -18.52
S DMS N . 17.89 -0.63 24.95
O DMS N . 16.27 -0.09 24.35
C1 DMS N . 17.76 -2.32 25.61
C2 DMS N . 18.96 -0.91 23.53
S DMS O . 6.42 -28.11 12.50
O DMS O . 5.47 -27.28 13.74
C1 DMS O . 7.78 -27.01 11.97
C2 DMS O . 7.34 -29.51 13.22
C1 EDO P . -0.49 20.64 -1.35
O1 EDO P . -0.45 20.52 -2.77
C2 EDO P . -1.20 21.91 -0.94
O2 EDO P . -2.61 21.69 -0.95
S SO4 Q . -2.53 -14.35 20.59
O1 SO4 Q . -3.48 -14.44 21.66
O2 SO4 Q . -1.24 -14.79 21.07
O3 SO4 Q . -2.44 -13.00 20.14
O4 SO4 Q . -2.94 -15.20 19.51
#